data_1KYQ
#
_entry.id   1KYQ
#
_cell.length_a   156.988
_cell.length_b   80.856
_cell.length_c   103.975
_cell.angle_alpha   90.00
_cell.angle_beta   121.88
_cell.angle_gamma   90.00
#
_symmetry.space_group_name_H-M   'C 1 2 1'
#
loop_
_entity.id
_entity.type
_entity.pdbx_description
1 polymer 'Siroheme biosynthesis protein MET8'
2 non-polymer NICOTINAMIDE-ADENINE-DINUCLEOTIDE
3 water water
#
_entity_poly.entity_id   1
_entity_poly.type   'polypeptide(L)'
_entity_poly.pdbx_seq_one_letter_code
;(MSE)VKSLQLAHQLKDKRILLIGGGEVGLTRLYKL(MSE)PTGCKLTLVSPDLHKSIIPKFGKFIQNKDQPDYREDAKR
FINPNWDPTKNEIYEYIRSDFKDEYLDLENENDAWYII(MSE)TCIPDHPESARIYHLCKERFGKQQLVNVADKPDLCDF
YFGANLEIGDRLQILISTNGLSPRFGALVRDEIRNLFTQ(MSE)GDLALEDAVVKLGELRRGIRLLAPDDKDVKYR
(MSE)DWARRCTDLFGIQHCHNIDVKRLLDLFKV(MSE)FQEQNCSLQFPPRERLLSEYCSS
;
_entity_poly.pdbx_strand_id   A,B,C
#
loop_
_chem_comp.id
_chem_comp.type
_chem_comp.name
_chem_comp.formula
NAD non-polymer NICOTINAMIDE-ADENINE-DINUCLEOTIDE 'C21 H27 N7 O14 P2'
#
# COMPACT_ATOMS: atom_id res chain seq x y z
N MSE A 1 -6.86 -15.70 26.50
CA MSE A 1 -6.90 -14.52 25.60
C MSE A 1 -6.42 -14.84 24.18
O MSE A 1 -5.43 -15.46 23.81
CB MSE A 1 -6.11 -13.33 26.12
CG MSE A 1 -6.56 -12.54 27.31
SE MSE A 1 -8.40 -12.03 27.41
CE MSE A 1 -6.65 -9.91 26.39
N VAL A 2 -7.21 -14.27 23.29
CA VAL A 2 -7.11 -14.23 21.85
C VAL A 2 -6.02 -13.26 21.43
N LYS A 3 -5.36 -13.50 20.31
CA LYS A 3 -4.37 -12.57 19.79
C LYS A 3 -5.08 -11.72 18.74
N SER A 4 -4.54 -10.55 18.42
CA SER A 4 -5.17 -9.75 17.38
C SER A 4 -4.57 -10.25 16.05
N LEU A 5 -5.14 -9.85 14.93
CA LEU A 5 -4.54 -10.12 13.63
C LEU A 5 -3.93 -8.81 13.13
N GLN A 6 -2.61 -8.74 13.02
CA GLN A 6 -1.94 -7.51 12.58
C GLN A 6 -1.76 -7.51 11.08
N LEU A 7 -2.23 -6.47 10.39
CA LEU A 7 -2.16 -6.46 8.93
C LEU A 7 -1.70 -5.09 8.43
N ALA A 8 -1.17 -5.07 7.20
CA ALA A 8 -0.74 -3.80 6.62
C ALA A 8 -1.63 -3.51 5.41
N HIS A 9 -2.48 -2.51 5.55
CA HIS A 9 -3.44 -2.15 4.53
C HIS A 9 -2.88 -1.22 3.48
N GLN A 10 -3.19 -1.51 2.22
CA GLN A 10 -2.77 -0.66 1.10
C GLN A 10 -3.91 0.30 0.81
N LEU A 11 -3.77 1.57 1.20
CA LEU A 11 -4.86 2.52 1.00
C LEU A 11 -4.67 3.55 -0.08
N LYS A 12 -3.65 3.41 -0.91
CA LYS A 12 -3.40 4.41 -1.93
C LYS A 12 -4.67 4.65 -2.72
N ASP A 13 -5.18 5.87 -2.73
CA ASP A 13 -6.40 6.17 -3.45
C ASP A 13 -7.67 5.55 -2.90
N LYS A 14 -7.70 4.92 -1.74
CA LYS A 14 -8.96 4.39 -1.24
C LYS A 14 -9.69 5.49 -0.47
N ARG A 15 -11.00 5.53 -0.54
CA ARG A 15 -11.75 6.53 0.20
C ARG A 15 -11.80 6.13 1.68
N ILE A 16 -11.58 7.12 2.52
CA ILE A 16 -11.62 6.95 3.96
C ILE A 16 -12.47 8.08 4.55
N LEU A 17 -13.33 7.73 5.48
CA LEU A 17 -14.18 8.69 6.16
C LEU A 17 -13.77 8.84 7.62
N LEU A 18 -13.49 10.09 8.00
CA LEU A 18 -13.13 10.40 9.37
C LEU A 18 -14.13 11.41 9.93
N ILE A 19 -14.72 11.10 11.08
CA ILE A 19 -15.72 12.00 11.67
C ILE A 19 -15.22 12.53 12.99
N GLY A 20 -15.03 13.85 13.08
CA GLY A 20 -14.49 14.47 14.29
C GLY A 20 -13.09 15.01 14.01
N GLY A 21 -12.92 16.33 13.92
CA GLY A 21 -11.60 16.87 13.60
C GLY A 21 -10.93 17.56 14.78
N GLY A 22 -10.92 16.90 15.93
CA GLY A 22 -10.34 17.51 17.13
C GLY A 22 -8.98 16.88 17.42
N GLU A 23 -8.66 16.79 18.70
CA GLU A 23 -7.41 16.17 19.14
C GLU A 23 -7.24 14.73 18.69
N VAL A 24 -8.26 13.90 18.96
CA VAL A 24 -8.18 12.49 18.56
C VAL A 24 -8.15 12.40 17.03
N GLY A 25 -8.98 13.19 16.36
CA GLY A 25 -8.99 13.24 14.91
C GLY A 25 -7.63 13.59 14.33
N LEU A 26 -6.95 14.54 14.96
CA LEU A 26 -5.61 14.92 14.53
C LEU A 26 -4.66 13.73 14.61
N THR A 27 -4.77 12.89 15.64
CA THR A 27 -3.94 11.69 15.74
C THR A 27 -4.30 10.68 14.67
N ARG A 28 -5.54 10.61 14.21
CA ARG A 28 -5.92 9.70 13.14
C ARG A 28 -5.34 10.21 11.81
N LEU A 29 -5.36 11.53 11.64
CA LEU A 29 -4.78 12.13 10.43
C LEU A 29 -3.30 11.83 10.31
N TYR A 30 -2.55 11.87 11.41
CA TYR A 30 -1.14 11.52 11.36
C TYR A 30 -0.91 10.13 10.80
N LYS A 31 -1.71 9.13 11.18
CA LYS A 31 -1.51 7.81 10.62
C LYS A 31 -2.10 7.65 9.22
N LEU A 32 -3.19 8.34 8.90
CA LEU A 32 -3.79 8.08 7.59
C LEU A 32 -3.13 8.82 6.45
N MSE A 33 -2.55 9.99 6.81
CA MSE A 33 -2.05 10.84 5.72
C MSE A 33 -0.93 10.42 4.84
O MSE A 33 -1.06 10.60 3.63
CB MSE A 33 -1.93 12.34 6.10
CG MSE A 33 -3.13 13.18 6.54
SE MSE A 33 -4.21 13.79 5.09
CE MSE A 33 -5.23 12.30 4.98
N PRO A 34 0.04 9.72 5.37
CA PRO A 34 1.10 9.15 4.56
C PRO A 34 0.67 7.91 3.78
N THR A 35 -0.59 7.45 3.89
CA THR A 35 -0.96 6.21 3.22
C THR A 35 -1.47 6.39 1.80
N GLY A 36 -1.61 7.60 1.31
CA GLY A 36 -2.10 7.87 -0.04
C GLY A 36 -3.63 7.76 -0.11
N CYS A 37 -4.29 7.64 1.02
CA CYS A 37 -5.74 7.50 1.07
C CYS A 37 -6.38 8.85 0.72
N LYS A 38 -7.59 8.75 0.21
CA LYS A 38 -8.38 9.91 -0.20
C LYS A 38 -9.44 10.10 0.87
N LEU A 39 -9.17 10.99 1.82
CA LEU A 39 -9.97 11.15 3.00
C LEU A 39 -10.95 12.31 2.97
N THR A 40 -12.13 12.02 3.49
CA THR A 40 -13.18 13.00 3.74
C THR A 40 -13.24 13.20 5.26
N LEU A 41 -13.12 14.42 5.74
CA LEU A 41 -13.15 14.72 7.17
C LEU A 41 -14.43 15.48 7.47
N VAL A 42 -15.24 15.02 8.42
CA VAL A 42 -16.51 15.70 8.71
C VAL A 42 -16.42 16.26 10.12
N SER A 43 -16.54 17.59 10.25
CA SER A 43 -16.42 18.25 11.54
C SER A 43 -16.83 19.71 11.49
N PRO A 44 -17.65 20.16 12.44
CA PRO A 44 -18.06 21.55 12.52
C PRO A 44 -16.88 22.46 12.79
N ASP A 45 -15.95 22.03 13.63
CA ASP A 45 -14.76 22.80 13.95
C ASP A 45 -13.51 21.92 13.83
N LEU A 46 -12.36 22.55 13.64
CA LEU A 46 -11.11 21.83 13.48
C LEU A 46 -10.01 22.16 14.48
N HIS A 47 -9.27 21.14 14.93
CA HIS A 47 -8.14 21.45 15.82
C HIS A 47 -7.27 22.38 14.95
N LYS A 48 -6.69 23.40 15.52
CA LYS A 48 -5.93 24.37 14.75
C LYS A 48 -4.76 23.85 13.93
N SER A 49 -4.20 22.67 14.14
CA SER A 49 -3.10 22.19 13.32
C SER A 49 -3.53 21.53 12.02
N ILE A 50 -4.78 21.12 11.91
CA ILE A 50 -5.22 20.38 10.72
C ILE A 50 -5.09 21.13 9.42
N ILE A 51 -5.64 22.34 9.32
CA ILE A 51 -5.57 23.11 8.07
C ILE A 51 -4.14 23.32 7.64
N PRO A 52 -3.30 23.87 8.51
CA PRO A 52 -1.90 24.09 8.20
C PRO A 52 -1.18 22.84 7.74
N LYS A 53 -1.32 21.72 8.47
CA LYS A 53 -0.59 20.54 8.08
C LYS A 53 -1.20 19.77 6.91
N PHE A 54 -2.53 19.65 6.93
CA PHE A 54 -3.20 18.76 5.98
C PHE A 54 -4.29 19.34 5.12
N GLY A 55 -4.73 20.58 5.26
CA GLY A 55 -5.79 21.10 4.40
C GLY A 55 -5.68 22.58 4.09
N LYS A 56 -4.55 22.98 3.54
CA LYS A 56 -4.25 24.39 3.27
C LYS A 56 -5.33 25.04 2.43
N PHE A 57 -5.84 24.31 1.45
CA PHE A 57 -6.91 24.68 0.55
C PHE A 57 -8.21 25.05 1.26
N ILE A 58 -8.44 24.59 2.48
CA ILE A 58 -9.61 24.99 3.27
C ILE A 58 -9.56 26.49 3.52
N GLN A 59 -8.36 27.05 3.50
CA GLN A 59 -7.90 28.40 3.58
C GLN A 59 -7.45 28.81 4.98
N LYS A 71 -19.83 24.86 2.94
CA LYS A 71 -19.95 23.71 3.83
C LYS A 71 -18.96 22.64 3.39
N ARG A 72 -18.83 22.44 2.08
CA ARG A 72 -17.91 21.48 1.54
C ARG A 72 -16.70 22.13 0.85
N PHE A 73 -15.53 21.57 1.12
CA PHE A 73 -14.28 21.99 0.54
C PHE A 73 -13.58 20.82 -0.15
N ILE A 74 -13.49 20.85 -1.48
CA ILE A 74 -12.77 19.84 -2.23
C ILE A 74 -11.37 20.35 -2.53
N ASN A 75 -10.38 19.52 -2.22
CA ASN A 75 -8.99 19.89 -2.50
C ASN A 75 -8.82 19.95 -4.00
N PRO A 76 -8.46 21.13 -4.52
CA PRO A 76 -8.34 21.31 -5.95
C PRO A 76 -7.12 20.65 -6.55
N ASN A 77 -6.10 20.31 -5.76
CA ASN A 77 -4.90 19.70 -6.32
C ASN A 77 -4.48 18.51 -5.48
N TRP A 78 -5.41 17.56 -5.36
CA TRP A 78 -5.16 16.38 -4.57
C TRP A 78 -4.53 15.25 -5.36
N ASP A 79 -3.59 14.58 -4.70
CA ASP A 79 -3.04 13.34 -5.18
C ASP A 79 -2.53 12.65 -3.90
N PRO A 80 -2.32 11.35 -4.02
CA PRO A 80 -1.89 10.52 -2.92
C PRO A 80 -0.56 10.87 -2.29
N THR A 81 0.31 11.58 -3.00
CA THR A 81 1.60 11.95 -2.45
C THR A 81 1.52 13.23 -1.63
N LYS A 82 0.45 14.00 -1.76
CA LYS A 82 0.31 15.25 -1.03
C LYS A 82 0.27 15.19 0.48
N ASN A 83 -0.18 14.07 1.04
CA ASN A 83 -0.43 14.00 2.47
C ASN A 83 -1.50 15.01 2.85
N GLU A 84 -2.55 15.18 2.05
CA GLU A 84 -3.60 16.14 2.39
C GLU A 84 -5.01 15.59 2.34
N ILE A 85 -5.91 16.15 3.13
CA ILE A 85 -7.33 15.81 3.13
C ILE A 85 -7.91 16.03 1.74
N TYR A 86 -8.81 15.17 1.27
CA TYR A 86 -9.37 15.35 -0.07
C TYR A 86 -10.58 16.26 -0.01
N GLU A 87 -11.38 16.03 1.03
CA GLU A 87 -12.63 16.72 1.22
C GLU A 87 -12.89 17.00 2.69
N TYR A 88 -13.28 18.24 2.95
CA TYR A 88 -13.62 18.67 4.29
C TYR A 88 -15.05 19.21 4.28
N ILE A 89 -15.88 18.62 5.14
CA ILE A 89 -17.26 19.02 5.35
C ILE A 89 -17.38 19.64 6.73
N ARG A 90 -17.65 20.95 6.71
CA ARG A 90 -17.75 21.69 7.97
C ARG A 90 -19.18 21.62 8.46
N SER A 91 -19.44 20.59 9.25
CA SER A 91 -20.78 20.26 9.72
C SER A 91 -20.73 19.12 10.72
N ASP A 92 -21.76 18.98 11.53
CA ASP A 92 -21.89 17.78 12.36
C ASP A 92 -22.23 16.67 11.34
N PHE A 93 -21.91 15.44 11.69
CA PHE A 93 -22.15 14.35 10.75
C PHE A 93 -23.62 14.26 10.38
N LYS A 94 -23.94 14.02 9.13
CA LYS A 94 -25.31 13.85 8.66
C LYS A 94 -25.28 12.52 7.91
N ASP A 95 -26.32 11.71 7.97
CA ASP A 95 -26.32 10.43 7.29
C ASP A 95 -25.96 10.50 5.82
N GLU A 96 -26.42 11.56 5.15
CA GLU A 96 -26.13 11.78 3.74
C GLU A 96 -24.64 11.89 3.42
N TYR A 97 -23.74 12.16 4.35
CA TYR A 97 -22.31 12.16 4.03
C TYR A 97 -21.77 10.75 3.81
N LEU A 98 -22.54 9.70 4.03
CA LEU A 98 -22.14 8.34 3.76
C LEU A 98 -22.20 8.04 2.26
N ASP A 99 -23.05 8.76 1.54
CA ASP A 99 -23.25 8.57 0.12
C ASP A 99 -22.02 8.84 -0.73
N LEU A 100 -21.76 8.02 -1.74
CA LEU A 100 -20.63 8.34 -2.62
C LEU A 100 -21.19 8.54 -4.03
N GLU A 101 -20.68 9.51 -4.76
CA GLU A 101 -21.17 9.80 -6.11
C GLU A 101 -21.36 8.51 -6.91
N ASN A 102 -20.27 7.87 -7.29
CA ASN A 102 -20.41 6.61 -8.02
C ASN A 102 -20.75 5.53 -7.00
N GLU A 103 -21.84 4.75 -7.12
CA GLU A 103 -22.03 3.77 -6.04
C GLU A 103 -21.69 2.34 -6.41
N ASN A 104 -20.44 2.24 -6.83
CA ASN A 104 -19.59 1.09 -6.98
C ASN A 104 -18.43 1.44 -6.02
N ASP A 105 -18.45 2.71 -5.61
CA ASP A 105 -17.44 3.20 -4.70
C ASP A 105 -17.85 2.86 -3.28
N ALA A 106 -16.86 2.90 -2.40
CA ALA A 106 -17.06 2.58 -1.00
C ALA A 106 -15.99 3.22 -0.11
N TRP A 107 -16.35 3.31 1.16
CA TRP A 107 -15.44 3.74 2.19
C TRP A 107 -14.68 2.51 2.68
N TYR A 108 -13.35 2.62 2.56
CA TYR A 108 -12.60 1.44 3.02
C TYR A 108 -12.58 1.35 4.52
N ILE A 109 -12.48 2.47 5.21
CA ILE A 109 -12.48 2.50 6.67
C ILE A 109 -13.34 3.71 7.04
N ILE A 110 -14.15 3.58 8.07
CA ILE A 110 -14.98 4.65 8.62
C ILE A 110 -14.59 4.84 10.08
N MSE A 111 -14.26 6.07 10.44
CA MSE A 111 -13.80 6.28 11.85
C MSE A 111 -14.49 7.46 12.50
O MSE A 111 -14.68 8.48 11.86
CB MSE A 111 -12.27 6.50 11.91
CG MSE A 111 -11.37 5.30 11.63
SE MSE A 111 -9.59 5.82 11.16
CE MSE A 111 -9.95 6.32 9.46
N THR A 112 -14.81 7.34 13.79
CA THR A 112 -15.37 8.49 14.50
C THR A 112 -14.49 8.86 15.69
N CYS A 113 -14.38 10.15 15.95
CA CYS A 113 -13.59 10.71 17.04
C CYS A 113 -14.33 11.90 17.65
N ILE A 114 -15.59 11.76 18.00
CA ILE A 114 -16.41 12.84 18.51
C ILE A 114 -16.74 12.58 19.97
N PRO A 115 -17.08 13.62 20.72
CA PRO A 115 -17.32 13.46 22.14
C PRO A 115 -18.66 12.84 22.51
N ASP A 116 -19.67 12.86 21.69
CA ASP A 116 -20.99 12.28 21.95
C ASP A 116 -21.04 10.78 21.78
N HIS A 117 -21.31 9.98 22.83
CA HIS A 117 -21.27 8.53 22.75
C HIS A 117 -22.43 7.93 21.99
N PRO A 118 -23.65 8.33 22.29
CA PRO A 118 -24.80 7.79 21.60
C PRO A 118 -24.72 8.08 20.12
N GLU A 119 -24.27 9.26 19.71
CA GLU A 119 -24.16 9.58 18.30
C GLU A 119 -23.05 8.73 17.67
N SER A 120 -21.96 8.50 18.39
CA SER A 120 -20.90 7.64 17.91
C SER A 120 -21.40 6.22 17.68
N ALA A 121 -22.11 5.70 18.69
CA ALA A 121 -22.72 4.38 18.57
C ALA A 121 -23.77 4.36 17.47
N ARG A 122 -24.59 5.42 17.32
CA ARG A 122 -25.57 5.40 16.24
C ARG A 122 -24.83 5.26 14.91
N ILE A 123 -23.78 6.06 14.71
CA ILE A 123 -23.01 6.03 13.47
C ILE A 123 -22.44 4.64 13.18
N TYR A 124 -21.84 4.01 14.17
CA TYR A 124 -21.33 2.65 14.00
C TYR A 124 -22.41 1.72 13.49
N HIS A 125 -23.60 1.66 14.11
CA HIS A 125 -24.67 0.74 13.70
C HIS A 125 -25.27 1.08 12.34
N LEU A 126 -25.37 2.38 12.05
CA LEU A 126 -25.85 2.82 10.74
C LEU A 126 -24.89 2.32 9.66
N CYS A 127 -23.60 2.55 9.88
CA CYS A 127 -22.59 2.10 8.91
C CYS A 127 -22.59 0.59 8.75
N LYS A 128 -22.67 -0.15 9.85
CA LYS A 128 -22.74 -1.60 9.79
C LYS A 128 -24.04 -2.04 9.11
N GLU A 129 -25.12 -1.30 9.30
CA GLU A 129 -26.39 -1.68 8.65
C GLU A 129 -26.31 -1.41 7.17
N ARG A 130 -25.87 -0.21 6.79
CA ARG A 130 -25.81 0.18 5.39
C ARG A 130 -24.75 -0.56 4.58
N PHE A 131 -23.54 -0.67 5.13
CA PHE A 131 -22.44 -1.25 4.38
C PHE A 131 -22.10 -2.68 4.78
N GLY A 132 -22.88 -3.23 5.71
CA GLY A 132 -22.66 -4.59 6.15
C GLY A 132 -21.62 -4.70 7.26
N LYS A 133 -21.59 -5.87 7.89
CA LYS A 133 -20.62 -6.10 8.97
C LYS A 133 -19.20 -6.25 8.45
N GLN A 134 -19.00 -6.38 7.14
CA GLN A 134 -17.72 -6.38 6.50
C GLN A 134 -17.10 -4.98 6.48
N GLN A 135 -17.88 -3.92 6.66
CA GLN A 135 -17.38 -2.56 6.69
C GLN A 135 -16.50 -2.31 7.89
N LEU A 136 -15.25 -1.89 7.70
CA LEU A 136 -14.37 -1.59 8.82
C LEU A 136 -14.80 -0.31 9.53
N VAL A 137 -14.93 -0.34 10.85
CA VAL A 137 -15.30 0.81 11.64
C VAL A 137 -14.45 0.88 12.92
N ASN A 138 -14.09 2.08 13.35
CA ASN A 138 -13.37 2.27 14.59
C ASN A 138 -13.95 3.51 15.27
N VAL A 139 -14.51 3.38 16.46
CA VAL A 139 -14.99 4.51 17.26
C VAL A 139 -13.91 4.72 18.31
N ALA A 140 -13.23 5.87 18.29
CA ALA A 140 -12.14 6.07 19.23
C ALA A 140 -12.53 5.83 20.68
N ASP A 141 -11.67 5.02 21.30
CA ASP A 141 -11.74 4.73 22.72
C ASP A 141 -12.97 3.96 23.13
N LYS A 142 -13.64 3.23 22.24
CA LYS A 142 -14.78 2.39 22.57
C LYS A 142 -14.48 1.01 21.98
N PRO A 143 -13.83 0.17 22.77
CA PRO A 143 -13.41 -1.13 22.34
C PRO A 143 -14.49 -1.95 21.69
N ASP A 144 -15.71 -2.01 22.23
CA ASP A 144 -16.77 -2.80 21.64
C ASP A 144 -17.28 -2.25 20.30
N LEU A 145 -16.92 -1.06 19.90
CA LEU A 145 -17.33 -0.51 18.63
C LEU A 145 -16.13 -0.39 17.72
N CYS A 146 -15.08 -1.18 17.96
CA CYS A 146 -13.93 -1.15 17.07
C CYS A 146 -13.64 -2.51 16.46
N ASP A 147 -13.52 -2.56 15.14
CA ASP A 147 -13.08 -3.75 14.44
C ASP A 147 -11.57 -3.92 14.57
N PHE A 148 -10.84 -2.84 14.83
CA PHE A 148 -9.39 -2.94 14.95
C PHE A 148 -8.86 -1.83 15.86
N TYR A 149 -7.59 -1.98 16.25
CA TYR A 149 -6.99 -0.95 17.08
C TYR A 149 -5.76 -0.41 16.36
N PHE A 150 -5.48 0.86 16.61
CA PHE A 150 -4.19 1.42 16.16
C PHE A 150 -3.23 0.94 17.24
N GLY A 151 -1.93 1.11 17.14
CA GLY A 151 -1.05 0.66 18.24
C GLY A 151 0.21 1.52 18.20
N ALA A 152 1.34 1.06 18.71
CA ALA A 152 2.56 1.87 18.62
C ALA A 152 3.29 1.55 17.31
N ASN A 153 3.65 2.56 16.53
CA ASN A 153 4.31 2.42 15.26
C ASN A 153 5.71 3.07 15.21
N LEU A 154 6.54 2.58 14.31
CA LEU A 154 7.80 3.22 13.99
C LEU A 154 8.19 2.86 12.56
N GLU A 155 8.91 3.78 11.95
CA GLU A 155 9.48 3.59 10.62
C GLU A 155 10.98 3.33 10.78
N ILE A 156 11.54 2.51 9.94
CA ILE A 156 12.96 2.20 9.88
C ILE A 156 13.31 2.51 8.42
N GLY A 157 13.63 3.79 8.29
CA GLY A 157 13.86 4.41 6.97
C GLY A 157 12.47 4.87 6.50
N ASP A 158 12.31 4.84 5.18
CA ASP A 158 11.03 5.19 4.58
C ASP A 158 10.49 3.91 3.96
N ARG A 159 11.14 2.78 4.30
CA ARG A 159 10.73 1.52 3.71
C ARG A 159 10.22 0.45 4.65
N LEU A 160 10.56 0.52 5.92
CA LEU A 160 10.15 -0.52 6.86
C LEU A 160 9.21 0.07 7.91
N GLN A 161 8.09 -0.62 8.16
CA GLN A 161 7.11 -0.13 9.13
C GLN A 161 6.86 -1.22 10.18
N ILE A 162 6.84 -0.80 11.43
CA ILE A 162 6.68 -1.74 12.53
C ILE A 162 5.50 -1.34 13.40
N LEU A 163 4.67 -2.30 13.76
CA LEU A 163 3.49 -2.05 14.57
C LEU A 163 3.62 -2.87 15.86
N ILE A 164 3.48 -2.27 17.02
CA ILE A 164 3.51 -3.00 18.28
C ILE A 164 2.11 -2.93 18.89
N SER A 165 1.50 -4.07 19.19
CA SER A 165 0.19 -4.15 19.78
C SER A 165 0.25 -4.91 21.11
N THR A 166 -0.56 -4.47 22.06
CA THR A 166 -0.63 -5.11 23.36
C THR A 166 -1.93 -5.90 23.43
N ASN A 167 -1.94 -6.98 24.19
CA ASN A 167 -3.15 -7.81 24.30
C ASN A 167 -3.59 -7.78 25.77
N GLY A 168 -4.45 -6.84 26.12
CA GLY A 168 -4.84 -6.74 27.54
C GLY A 168 -3.60 -6.34 28.34
N LEU A 169 -3.06 -5.20 27.98
CA LEU A 169 -1.89 -4.57 28.55
C LEU A 169 -2.02 -3.09 28.16
N SER A 170 -1.62 -2.21 29.06
CA SER A 170 -1.69 -0.79 28.69
C SER A 170 -0.90 -0.59 27.40
N PRO A 171 -1.30 0.40 26.61
CA PRO A 171 -0.60 0.78 25.39
C PRO A 171 0.77 1.35 25.72
N ARG A 172 0.92 1.83 26.95
CA ARG A 172 2.21 2.32 27.45
C ARG A 172 3.30 1.29 27.13
N PHE A 173 3.08 0.02 27.38
CA PHE A 173 4.05 -1.02 27.03
C PHE A 173 4.36 -1.05 25.54
N GLY A 174 3.37 -0.86 24.67
CA GLY A 174 3.61 -0.81 23.25
C GLY A 174 4.60 0.30 22.94
N ALA A 175 4.33 1.49 23.45
CA ALA A 175 5.25 2.62 23.28
C ALA A 175 6.64 2.30 23.82
N LEU A 176 6.76 1.70 24.98
CA LEU A 176 8.08 1.39 25.55
C LEU A 176 8.85 0.39 24.69
N VAL A 177 8.19 -0.66 24.19
CA VAL A 177 8.81 -1.61 23.28
C VAL A 177 9.21 -0.92 21.99
N ARG A 178 8.37 0.00 21.54
CA ARG A 178 8.63 0.76 20.32
C ARG A 178 9.86 1.64 20.44
N ASP A 179 9.98 2.32 21.59
CA ASP A 179 11.15 3.18 21.80
C ASP A 179 12.41 2.36 21.92
N GLU A 180 12.33 1.15 22.45
CA GLU A 180 13.45 0.24 22.51
C GLU A 180 13.90 -0.22 21.13
N ILE A 181 12.96 -0.49 20.22
CA ILE A 181 13.31 -0.93 18.87
C ILE A 181 13.85 0.26 18.08
N ARG A 182 13.29 1.44 18.33
CA ARG A 182 13.76 2.67 17.70
C ARG A 182 15.22 2.92 18.05
N ASN A 183 15.55 2.72 19.33
CA ASN A 183 16.92 2.89 19.80
C ASN A 183 17.87 1.87 19.21
N LEU A 184 17.46 0.62 19.06
CA LEU A 184 18.27 -0.41 18.41
C LEU A 184 18.68 0.07 17.02
N PHE A 185 17.70 0.45 16.21
CA PHE A 185 17.98 0.92 14.85
C PHE A 185 18.67 2.27 14.82
N THR A 186 18.51 3.11 15.84
CA THR A 186 19.25 4.36 15.92
C THR A 186 20.73 4.05 16.16
N GLN A 187 21.05 3.10 17.02
CA GLN A 187 22.44 2.76 17.27
C GLN A 187 23.13 2.28 15.99
N MSE A 188 22.41 1.40 15.30
CA MSE A 188 22.88 0.84 14.02
C MSE A 188 23.27 1.88 12.99
O MSE A 188 24.23 1.58 12.29
CB MSE A 188 21.82 -0.09 13.41
CG MSE A 188 22.30 -1.55 13.23
SE MSE A 188 20.87 -2.72 12.79
CE MSE A 188 20.20 -2.95 14.45
N GLY A 189 22.57 2.99 12.77
CA GLY A 189 22.97 3.93 11.73
C GLY A 189 22.45 3.54 10.36
N ASP A 190 22.78 4.33 9.33
CA ASP A 190 22.31 4.08 7.98
C ASP A 190 22.38 2.59 7.60
N LEU A 191 21.28 2.08 7.08
CA LEU A 191 21.21 0.69 6.63
C LEU A 191 21.44 0.60 5.13
N ALA A 192 21.34 1.74 4.44
CA ALA A 192 21.46 1.82 2.99
C ALA A 192 20.74 0.67 2.31
N LEU A 193 19.44 0.51 2.58
CA LEU A 193 18.66 -0.59 2.03
C LEU A 193 18.50 -0.52 0.52
N GLU A 194 18.55 0.67 -0.07
CA GLU A 194 18.52 0.76 -1.53
C GLU A 194 19.70 0.00 -2.11
N ASP A 195 20.89 0.15 -1.52
CA ASP A 195 22.05 -0.59 -2.00
C ASP A 195 21.96 -2.08 -1.69
N ALA A 196 21.44 -2.44 -0.52
CA ALA A 196 21.27 -3.85 -0.19
C ALA A 196 20.31 -4.51 -1.18
N VAL A 197 19.25 -3.80 -1.55
CA VAL A 197 18.29 -4.34 -2.52
C VAL A 197 19.03 -4.68 -3.81
N VAL A 198 19.81 -3.72 -4.31
CA VAL A 198 20.57 -3.93 -5.53
C VAL A 198 21.55 -5.10 -5.38
N LYS A 199 22.34 -5.15 -4.31
CA LYS A 199 23.31 -6.24 -4.15
C LYS A 199 22.64 -7.59 -3.98
N LEU A 200 21.55 -7.67 -3.20
CA LEU A 200 20.89 -8.96 -3.03
C LEU A 200 20.36 -9.44 -4.39
N GLY A 201 19.93 -8.52 -5.27
CA GLY A 201 19.48 -8.89 -6.60
C GLY A 201 20.62 -9.43 -7.46
N GLU A 202 21.76 -8.73 -7.45
CA GLU A 202 22.91 -9.19 -8.24
C GLU A 202 23.50 -10.45 -7.63
N LEU A 203 23.43 -10.62 -6.31
CA LEU A 203 23.85 -11.88 -5.70
C LEU A 203 23.00 -13.03 -6.24
N ARG A 204 21.68 -12.87 -6.14
CA ARG A 204 20.73 -13.86 -6.61
C ARG A 204 20.91 -14.18 -8.09
N ARG A 205 21.08 -13.18 -8.94
CA ARG A 205 21.30 -13.42 -10.37
C ARG A 205 22.58 -14.23 -10.58
N GLY A 206 23.65 -13.84 -9.89
CA GLY A 206 24.92 -14.51 -9.99
C GLY A 206 24.86 -15.99 -9.65
N ILE A 207 24.21 -16.32 -8.53
CA ILE A 207 24.06 -17.70 -8.08
C ILE A 207 23.30 -18.54 -9.09
N ARG A 208 22.27 -17.96 -9.69
CA ARG A 208 21.47 -18.65 -10.70
C ARG A 208 22.34 -19.08 -11.88
N LEU A 209 23.27 -18.22 -12.29
CA LEU A 209 24.21 -18.53 -13.33
C LEU A 209 25.22 -19.62 -12.98
N LEU A 210 25.69 -19.56 -11.73
CA LEU A 210 26.64 -20.58 -11.30
C LEU A 210 25.84 -21.86 -11.05
N ALA A 211 24.52 -21.83 -10.86
CA ALA A 211 23.80 -23.09 -10.66
C ALA A 211 22.37 -23.05 -11.18
N PRO A 212 22.23 -23.00 -12.51
CA PRO A 212 20.96 -22.83 -13.18
C PRO A 212 20.00 -24.00 -13.26
N ASP A 213 20.50 -25.23 -13.22
CA ASP A 213 19.61 -26.38 -13.34
C ASP A 213 18.45 -26.32 -12.37
N ASP A 214 17.30 -26.82 -12.84
CA ASP A 214 16.07 -26.87 -12.07
C ASP A 214 16.20 -27.61 -10.75
N LYS A 215 17.08 -28.59 -10.67
CA LYS A 215 17.31 -29.37 -9.48
C LYS A 215 18.05 -28.66 -8.36
N ASP A 216 18.65 -27.50 -8.57
CA ASP A 216 19.37 -26.84 -7.49
C ASP A 216 18.64 -25.61 -6.98
N VAL A 217 17.39 -25.42 -7.37
CA VAL A 217 16.54 -24.33 -6.94
C VAL A 217 16.65 -24.10 -5.43
N LYS A 218 16.20 -25.12 -4.69
CA LYS A 218 16.18 -25.09 -3.24
C LYS A 218 17.54 -24.71 -2.68
N TYR A 219 18.62 -25.33 -3.13
CA TYR A 219 19.95 -25.00 -2.65
C TYR A 219 20.23 -23.51 -2.79
N ARG A 220 20.01 -22.98 -3.99
CA ARG A 220 20.19 -21.57 -4.29
C ARG A 220 19.50 -20.71 -3.24
N MSE A 221 18.24 -21.03 -2.96
CA MSE A 221 17.46 -20.30 -1.94
C MSE A 221 18.09 -20.37 -0.55
O MSE A 221 18.24 -19.35 0.08
CB MSE A 221 16.07 -20.95 -1.77
CG MSE A 221 14.90 -20.29 -2.52
SE MSE A 221 13.39 -21.43 -2.68
CE MSE A 221 12.78 -21.29 -0.96
N ASP A 222 18.35 -21.59 -0.06
CA ASP A 222 18.87 -21.71 1.29
C ASP A 222 20.26 -21.11 1.42
N TRP A 223 21.01 -21.15 0.32
CA TRP A 223 22.34 -20.54 0.38
C TRP A 223 22.15 -19.04 0.58
N ALA A 224 21.38 -18.38 -0.28
CA ALA A 224 21.09 -16.96 -0.13
C ALA A 224 20.55 -16.60 1.26
N ARG A 225 19.60 -17.37 1.75
CA ARG A 225 18.98 -17.12 3.04
C ARG A 225 19.96 -17.21 4.21
N ARG A 226 20.75 -18.29 4.23
CA ARG A 226 21.72 -18.41 5.32
C ARG A 226 22.75 -17.30 5.21
N CYS A 227 23.19 -17.00 3.99
CA CYS A 227 24.18 -15.94 3.78
C CYS A 227 23.66 -14.57 4.23
N THR A 228 22.45 -14.21 3.82
CA THR A 228 21.86 -12.93 4.17
C THR A 228 21.51 -12.87 5.65
N ASP A 229 21.10 -14.01 6.21
CA ASP A 229 20.89 -14.08 7.65
C ASP A 229 22.17 -13.68 8.38
N LEU A 230 23.31 -14.23 7.97
CA LEU A 230 24.60 -13.96 8.58
C LEU A 230 25.07 -12.53 8.42
N PHE A 231 24.82 -11.86 7.31
CA PHE A 231 25.22 -10.46 7.19
C PHE A 231 24.26 -9.62 8.03
N GLY A 232 22.99 -10.04 8.06
CA GLY A 232 21.99 -9.34 8.84
C GLY A 232 21.53 -8.09 8.10
N ILE A 233 20.55 -7.42 8.71
CA ILE A 233 20.00 -6.20 8.09
C ILE A 233 21.06 -5.10 8.11
N GLN A 234 21.91 -5.09 9.11
CA GLN A 234 22.95 -4.09 9.26
C GLN A 234 24.05 -4.11 8.20
N HIS A 235 24.48 -5.26 7.70
CA HIS A 235 25.58 -5.34 6.75
C HIS A 235 25.24 -5.70 5.32
N CYS A 236 24.01 -6.11 5.03
CA CYS A 236 23.61 -6.47 3.69
C CYS A 236 23.94 -5.45 2.62
N HIS A 237 23.89 -4.15 2.86
CA HIS A 237 24.22 -3.13 1.91
C HIS A 237 25.69 -3.08 1.50
N ASN A 238 26.53 -3.80 2.22
CA ASN A 238 27.98 -3.72 2.13
C ASN A 238 28.61 -5.01 1.65
N ILE A 239 27.79 -5.98 1.24
CA ILE A 239 28.38 -7.23 0.77
C ILE A 239 29.14 -7.02 -0.53
N ASP A 240 30.21 -7.79 -0.70
CA ASP A 240 30.96 -7.78 -1.96
C ASP A 240 30.39 -8.89 -2.83
N VAL A 241 29.42 -8.61 -3.68
CA VAL A 241 28.82 -9.65 -4.50
C VAL A 241 29.80 -10.57 -5.22
N LYS A 242 30.73 -10.04 -6.01
CA LYS A 242 31.69 -10.86 -6.75
C LYS A 242 32.36 -11.88 -5.84
N ARG A 243 32.88 -11.39 -4.71
CA ARG A 243 33.54 -12.25 -3.74
C ARG A 243 32.60 -13.29 -3.17
N LEU A 244 31.34 -12.95 -2.86
CA LEU A 244 30.42 -13.99 -2.37
C LEU A 244 30.10 -14.96 -3.49
N LEU A 245 30.09 -14.49 -4.74
CA LEU A 245 29.86 -15.41 -5.86
C LEU A 245 30.99 -16.43 -5.92
N ASP A 246 32.24 -15.98 -5.81
CA ASP A 246 33.36 -16.93 -5.78
C ASP A 246 33.18 -17.90 -4.61
N LEU A 247 32.73 -17.43 -3.44
CA LEU A 247 32.48 -18.32 -2.30
C LEU A 247 31.35 -19.32 -2.55
N PHE A 248 30.33 -18.87 -3.28
CA PHE A 248 29.21 -19.75 -3.60
C PHE A 248 29.72 -20.88 -4.51
N LYS A 249 30.51 -20.51 -5.51
CA LYS A 249 31.04 -21.49 -6.45
C LYS A 249 31.68 -22.66 -5.72
N VAL A 250 32.66 -22.38 -4.87
CA VAL A 250 33.35 -23.39 -4.08
C VAL A 250 32.41 -24.20 -3.20
N MSE A 251 31.57 -23.53 -2.44
CA MSE A 251 30.62 -24.25 -1.54
C MSE A 251 29.74 -25.17 -2.35
O MSE A 251 29.55 -26.32 -1.99
CB MSE A 251 29.81 -23.27 -0.65
CG MSE A 251 30.64 -22.76 0.54
SE MSE A 251 29.81 -21.38 1.53
CE MSE A 251 28.56 -22.36 2.38
N PHE A 252 29.22 -24.70 -3.49
CA PHE A 252 28.39 -25.48 -4.37
C PHE A 252 29.11 -26.66 -5.04
N GLN A 253 29.86 -26.43 -6.11
CA GLN A 253 30.52 -27.52 -6.83
C GLN A 253 31.31 -28.40 -5.88
N GLU A 254 32.51 -27.93 -5.54
CA GLU A 254 33.41 -28.65 -4.65
C GLU A 254 32.74 -29.35 -3.49
N GLN A 255 32.19 -28.60 -2.54
CA GLN A 255 31.67 -29.18 -1.31
C GLN A 255 30.25 -29.70 -1.38
N ASN A 256 29.89 -30.51 -2.35
CA ASN A 256 28.58 -31.10 -2.56
C ASN A 256 27.43 -30.28 -2.01
N CYS A 257 27.31 -29.03 -2.48
CA CYS A 257 26.28 -28.12 -1.98
C CYS A 257 26.40 -27.93 -0.47
N SER A 258 27.48 -27.30 -0.03
CA SER A 258 27.66 -27.06 1.39
C SER A 258 26.96 -25.79 1.87
N LEU A 259 26.33 -25.87 3.03
CA LEU A 259 25.68 -24.75 3.68
C LEU A 259 26.45 -24.36 4.94
N GLN A 260 27.72 -24.74 5.00
CA GLN A 260 28.58 -24.45 6.13
C GLN A 260 29.45 -23.23 5.81
N PHE A 261 29.04 -22.05 6.27
CA PHE A 261 29.75 -20.85 5.86
C PHE A 261 30.88 -20.45 6.77
N PRO A 262 31.80 -19.66 6.21
CA PRO A 262 32.86 -19.06 6.99
C PRO A 262 32.18 -18.49 8.23
N PRO A 263 32.81 -18.53 9.38
CA PRO A 263 32.22 -18.00 10.60
C PRO A 263 31.89 -16.53 10.42
N ARG A 264 30.86 -16.05 11.11
CA ARG A 264 30.33 -14.72 10.90
C ARG A 264 31.35 -13.59 10.88
N GLU A 265 32.25 -13.48 11.85
CA GLU A 265 33.20 -12.37 11.83
C GLU A 265 34.19 -12.43 10.69
N ARG A 266 34.43 -13.60 10.10
CA ARG A 266 35.29 -13.68 8.91
C ARG A 266 34.47 -13.24 7.70
N LEU A 267 33.26 -13.78 7.62
CA LEU A 267 32.32 -13.40 6.56
C LEU A 267 32.21 -11.89 6.51
N LEU A 268 32.01 -11.22 7.66
CA LEU A 268 31.93 -9.77 7.64
C LEU A 268 33.26 -9.13 7.24
N SER A 269 34.40 -9.68 7.66
CA SER A 269 35.65 -9.01 7.31
C SER A 269 36.03 -9.25 5.85
N GLU A 270 35.99 -10.48 5.38
CA GLU A 270 36.39 -10.77 4.02
C GLU A 270 35.37 -10.46 2.93
N TYR A 271 34.08 -10.67 3.18
CA TYR A 271 33.10 -10.54 2.11
C TYR A 271 32.28 -9.28 2.08
N CYS A 272 32.70 -8.28 2.83
CA CYS A 272 32.07 -6.96 2.83
C CYS A 272 33.05 -6.16 1.95
N SER A 273 32.66 -5.05 1.36
CA SER A 273 33.66 -4.30 0.59
C SER A 273 34.43 -3.40 1.55
N MSE B 1 7.15 8.07 -1.23
CA MSE B 1 6.19 6.98 -1.54
C MSE B 1 5.19 6.78 -0.41
O MSE B 1 5.30 7.31 0.69
CB MSE B 1 6.91 5.69 -1.90
CG MSE B 1 7.59 4.98 -0.75
SE MSE B 1 8.40 3.34 -1.32
CE MSE B 1 6.29 2.64 -1.58
N VAL B 2 4.19 5.97 -0.70
CA VAL B 2 3.06 5.73 0.22
C VAL B 2 3.32 4.68 1.27
N LYS B 3 2.90 4.91 2.52
CA LYS B 3 3.07 3.91 3.57
C LYS B 3 1.79 3.08 3.72
N SER B 4 1.93 1.93 4.35
CA SER B 4 0.81 1.09 4.69
C SER B 4 0.17 1.66 5.97
N LEU B 5 -1.06 1.22 6.20
CA LEU B 5 -1.69 1.53 7.47
C LEU B 5 -1.65 0.20 8.23
N GLN B 6 -0.90 0.11 9.32
CA GLN B 6 -0.80 -1.15 10.05
C GLN B 6 -1.84 -1.18 11.17
N LEU B 7 -2.64 -2.25 11.16
CA LEU B 7 -3.73 -2.31 12.12
C LEU B 7 -3.77 -3.64 12.84
N ALA B 8 -4.30 -3.63 14.06
CA ALA B 8 -4.49 -4.84 14.83
C ALA B 8 -5.99 -5.15 14.91
N HIS B 9 -6.44 -6.09 14.09
CA HIS B 9 -7.83 -6.52 14.04
C HIS B 9 -8.28 -7.35 15.21
N GLN B 10 -9.50 -7.06 15.69
CA GLN B 10 -10.08 -7.83 16.81
C GLN B 10 -11.02 -8.84 16.17
N LEU B 11 -10.57 -10.06 15.94
CA LEU B 11 -11.35 -11.06 15.25
C LEU B 11 -12.16 -12.07 16.04
N LYS B 12 -12.27 -11.90 17.35
CA LYS B 12 -13.01 -12.86 18.16
C LYS B 12 -14.45 -12.93 17.65
N ASP B 13 -14.90 -14.12 17.28
CA ASP B 13 -16.25 -14.30 16.77
C ASP B 13 -16.47 -13.74 15.38
N LYS B 14 -15.46 -13.30 14.65
CA LYS B 14 -15.69 -12.78 13.30
C LYS B 14 -15.64 -13.93 12.30
N ARG B 15 -16.52 -13.91 11.31
CA ARG B 15 -16.55 -14.95 10.29
C ARG B 15 -15.47 -14.65 9.24
N ILE B 16 -14.66 -15.66 8.98
CA ILE B 16 -13.52 -15.54 8.07
C ILE B 16 -13.62 -16.64 7.02
N LEU B 17 -13.41 -16.32 5.76
CA LEU B 17 -13.46 -17.28 4.67
C LEU B 17 -12.06 -17.49 4.09
N LEU B 18 -11.56 -18.71 4.22
CA LEU B 18 -10.27 -19.13 3.70
C LEU B 18 -10.47 -20.16 2.58
N ILE B 19 -10.04 -19.82 1.38
CA ILE B 19 -10.15 -20.72 0.23
C ILE B 19 -8.78 -21.24 -0.19
N GLY B 20 -8.59 -22.55 -0.01
CA GLY B 20 -7.35 -23.23 -0.33
C GLY B 20 -6.71 -23.76 0.95
N GLY B 21 -6.61 -25.09 1.08
CA GLY B 21 -6.07 -25.63 2.32
C GLY B 21 -4.73 -26.32 2.18
N GLY B 22 -3.77 -25.71 1.48
CA GLY B 22 -2.48 -26.35 1.27
C GLY B 22 -1.38 -25.73 2.12
N GLU B 23 -0.18 -25.65 1.53
CA GLU B 23 0.94 -25.06 2.27
C GLU B 23 0.67 -23.60 2.65
N VAL B 24 0.18 -22.80 1.71
CA VAL B 24 -0.08 -21.40 2.05
C VAL B 24 -1.29 -21.36 2.99
N GLY B 25 -2.32 -22.16 2.72
CA GLY B 25 -3.48 -22.20 3.62
C GLY B 25 -3.10 -22.44 5.07
N LEU B 26 -2.21 -23.40 5.32
CA LEU B 26 -1.76 -23.76 6.66
C LEU B 26 -1.09 -22.60 7.36
N THR B 27 -0.25 -21.86 6.62
CA THR B 27 0.39 -20.68 7.21
C THR B 27 -0.67 -19.63 7.52
N ARG B 28 -1.73 -19.54 6.73
CA ARG B 28 -2.80 -18.60 7.06
C ARG B 28 -3.46 -19.05 8.36
N LEU B 29 -3.71 -20.35 8.48
CA LEU B 29 -4.26 -20.92 9.70
C LEU B 29 -3.42 -20.66 10.93
N TYR B 30 -2.09 -20.75 10.88
CA TYR B 30 -1.29 -20.45 12.07
C TYR B 30 -1.56 -19.05 12.58
N LYS B 31 -1.67 -18.06 11.70
CA LYS B 31 -2.01 -16.72 12.13
C LYS B 31 -3.48 -16.53 12.45
N LEU B 32 -4.43 -17.23 11.85
CA LEU B 32 -5.82 -16.93 12.15
C LEU B 32 -6.39 -17.62 13.37
N MSE B 33 -5.79 -18.76 13.69
CA MSE B 33 -6.38 -19.53 14.80
C MSE B 33 -6.37 -19.03 16.20
O MSE B 33 -7.40 -19.16 16.82
CB MSE B 33 -6.08 -21.05 14.76
CG MSE B 33 -6.44 -21.90 13.55
SE MSE B 33 -8.26 -22.46 13.48
CE MSE B 33 -8.90 -20.91 12.78
N PRO B 34 -5.29 -18.43 16.61
CA PRO B 34 -5.23 -17.83 17.93
C PRO B 34 -6.02 -16.54 18.00
N THR B 35 -6.77 -16.13 16.96
CA THR B 35 -7.50 -14.88 17.05
C THR B 35 -8.92 -15.03 17.57
N GLY B 36 -9.42 -16.25 17.69
CA GLY B 36 -10.81 -16.43 18.13
C GLY B 36 -11.79 -16.27 16.96
N CYS B 37 -11.29 -16.14 15.73
CA CYS B 37 -12.17 -16.02 14.59
C CYS B 37 -12.89 -17.35 14.34
N LYS B 38 -14.04 -17.21 13.73
CA LYS B 38 -14.91 -18.31 13.38
C LYS B 38 -14.78 -18.59 11.88
N LEU B 39 -13.87 -19.48 11.51
CA LEU B 39 -13.48 -19.63 10.12
C LEU B 39 -14.09 -20.78 9.35
N THR B 40 -14.39 -20.48 8.09
CA THR B 40 -14.84 -21.47 7.12
C THR B 40 -13.70 -21.69 6.11
N LEU B 41 -13.25 -22.93 6.01
CA LEU B 41 -12.18 -23.33 5.10
C LEU B 41 -12.78 -24.11 3.93
N VAL B 42 -12.52 -23.64 2.72
CA VAL B 42 -13.01 -24.30 1.51
C VAL B 42 -11.83 -24.84 0.70
N SER B 43 -11.77 -26.16 0.56
CA SER B 43 -10.70 -26.84 -0.14
C SER B 43 -11.00 -28.29 -0.40
N PRO B 44 -10.77 -28.79 -1.61
CA PRO B 44 -11.04 -30.19 -1.95
C PRO B 44 -10.08 -31.13 -1.27
N ASP B 45 -8.85 -30.70 -0.98
CA ASP B 45 -7.87 -31.50 -0.29
C ASP B 45 -7.25 -30.64 0.81
N LEU B 46 -6.65 -31.27 1.81
CA LEU B 46 -6.03 -30.53 2.89
C LEU B 46 -4.60 -30.96 3.17
N HIS B 47 -3.78 -29.98 3.55
CA HIS B 47 -2.40 -30.28 3.91
C HIS B 47 -2.50 -31.25 5.10
N LYS B 48 -1.50 -32.10 5.34
CA LYS B 48 -1.67 -33.14 6.35
C LYS B 48 -1.80 -32.67 7.78
N SER B 49 -1.21 -31.55 8.16
CA SER B 49 -1.34 -31.01 9.49
C SER B 49 -2.70 -30.40 9.82
N ILE B 50 -3.51 -29.96 8.88
CA ILE B 50 -4.72 -29.24 9.22
C ILE B 50 -5.69 -30.03 10.09
N ILE B 51 -6.12 -31.23 9.71
CA ILE B 51 -7.10 -31.95 10.53
C ILE B 51 -6.63 -32.13 11.96
N PRO B 52 -5.47 -32.73 12.19
CA PRO B 52 -4.98 -32.96 13.54
C PRO B 52 -4.73 -31.67 14.31
N LYS B 53 -4.20 -30.63 13.67
CA LYS B 53 -3.98 -29.41 14.43
C LYS B 53 -5.27 -28.62 14.64
N PHE B 54 -6.12 -28.45 13.63
CA PHE B 54 -7.21 -27.47 13.78
C PHE B 54 -8.61 -27.94 13.50
N GLY B 55 -8.79 -29.21 13.14
CA GLY B 55 -10.15 -29.65 12.83
C GLY B 55 -10.29 -31.14 13.02
N LYS B 56 -10.05 -31.62 14.25
CA LYS B 56 -10.17 -33.06 14.49
C LYS B 56 -11.54 -33.56 14.13
N PHE B 57 -12.62 -32.80 14.14
CA PHE B 57 -13.92 -33.26 13.72
C PHE B 57 -14.04 -33.53 12.24
N ILE B 58 -13.16 -33.13 11.35
CA ILE B 58 -13.38 -33.37 9.92
C ILE B 58 -13.19 -34.85 9.63
N GLN B 59 -14.06 -35.48 8.87
CA GLN B 59 -13.89 -36.91 8.59
C GLN B 59 -13.07 -37.09 7.32
N ASN B 60 -12.27 -38.15 7.27
CA ASN B 60 -11.55 -38.52 6.05
C ASN B 60 -12.54 -38.73 4.91
N LYS B 61 -12.14 -38.43 3.68
CA LYS B 61 -12.98 -38.63 2.52
C LYS B 61 -13.40 -40.07 2.23
N ASP B 62 -12.65 -41.08 2.65
CA ASP B 62 -13.10 -42.44 2.31
C ASP B 62 -14.07 -43.04 3.32
N GLN B 63 -14.45 -42.36 4.38
CA GLN B 63 -15.48 -42.84 5.31
C GLN B 63 -16.84 -42.55 4.67
N PRO B 64 -17.72 -43.54 4.60
CA PRO B 64 -19.03 -43.38 4.01
C PRO B 64 -19.78 -42.23 4.69
N ASP B 65 -20.44 -41.42 3.90
CA ASP B 65 -21.16 -40.28 4.47
C ASP B 65 -22.48 -40.22 3.73
N TYR B 66 -23.58 -40.45 4.46
CA TYR B 66 -24.84 -40.44 3.69
C TYR B 66 -25.62 -39.16 3.81
N ARG B 67 -25.04 -38.07 4.26
CA ARG B 67 -25.78 -36.80 4.37
C ARG B 67 -26.11 -36.29 2.98
N GLU B 68 -27.16 -35.47 2.85
CA GLU B 68 -27.53 -34.90 1.56
C GLU B 68 -26.40 -34.01 1.04
N ASP B 69 -25.62 -33.41 1.92
CA ASP B 69 -24.45 -32.66 1.52
C ASP B 69 -23.27 -33.18 2.36
N ALA B 70 -22.63 -34.19 1.81
CA ALA B 70 -21.50 -34.83 2.47
C ALA B 70 -20.22 -34.01 2.44
N LYS B 71 -20.13 -32.94 1.68
CA LYS B 71 -18.93 -32.12 1.63
C LYS B 71 -18.77 -31.16 2.80
N ARG B 72 -19.83 -30.88 3.54
CA ARG B 72 -19.77 -29.89 4.60
C ARG B 72 -19.61 -30.41 6.02
N PHE B 73 -18.65 -29.89 6.79
CA PHE B 73 -18.37 -30.29 8.14
C PHE B 73 -18.42 -29.10 9.11
N ILE B 74 -19.28 -29.14 10.12
CA ILE B 74 -19.38 -28.07 11.11
C ILE B 74 -18.80 -28.55 12.44
N ASN B 75 -17.89 -27.82 13.05
CA ASN B 75 -17.34 -28.22 14.33
C ASN B 75 -18.50 -28.13 15.33
N PRO B 76 -18.88 -29.28 15.87
CA PRO B 76 -20.01 -29.37 16.78
C PRO B 76 -19.72 -28.73 18.12
N ASN B 77 -18.45 -28.57 18.53
CA ASN B 77 -18.16 -27.95 19.80
C ASN B 77 -17.09 -26.86 19.69
N TRP B 78 -17.46 -25.83 18.93
CA TRP B 78 -16.61 -24.70 18.65
C TRP B 78 -16.77 -23.50 19.57
N ASP B 79 -15.65 -22.84 19.85
CA ASP B 79 -15.67 -21.57 20.56
C ASP B 79 -14.33 -20.90 20.25
N PRO B 80 -14.24 -19.61 20.52
CA PRO B 80 -13.06 -18.87 20.20
C PRO B 80 -11.80 -19.36 20.89
N THR B 81 -11.89 -20.09 22.00
CA THR B 81 -10.71 -20.56 22.69
C THR B 81 -10.18 -21.85 22.10
N LYS B 82 -10.98 -22.59 21.35
CA LYS B 82 -10.52 -23.84 20.74
C LYS B 82 -9.33 -23.74 19.82
N ASN B 83 -9.17 -22.66 19.06
CA ASN B 83 -8.15 -22.60 18.03
C ASN B 83 -8.48 -23.63 16.95
N GLU B 84 -9.76 -23.77 16.65
CA GLU B 84 -10.20 -24.75 15.68
C GLU B 84 -11.04 -24.16 14.53
N ILE B 85 -10.88 -24.78 13.37
CA ILE B 85 -11.69 -24.41 12.22
C ILE B 85 -13.16 -24.55 12.63
N TYR B 86 -14.04 -23.67 12.18
CA TYR B 86 -15.45 -23.77 12.51
C TYR B 86 -16.19 -24.62 11.48
N GLU B 87 -15.88 -24.34 10.21
CA GLU B 87 -16.53 -25.04 9.11
C GLU B 87 -15.57 -25.39 7.98
N TYR B 88 -15.62 -26.61 7.50
CA TYR B 88 -14.78 -27.13 6.43
C TYR B 88 -15.69 -27.64 5.33
N ILE B 89 -15.44 -27.19 4.11
CA ILE B 89 -16.23 -27.56 2.96
C ILE B 89 -15.30 -28.25 1.95
N ARG B 90 -15.43 -29.58 1.82
CA ARG B 90 -14.53 -30.31 0.93
C ARG B 90 -14.94 -30.15 -0.53
N SER B 91 -14.34 -29.13 -1.18
CA SER B 91 -14.72 -28.85 -2.55
C SER B 91 -13.91 -27.66 -3.07
N ASP B 92 -13.91 -27.53 -4.39
CA ASP B 92 -13.40 -26.33 -5.00
C ASP B 92 -14.45 -25.25 -4.64
N PHE B 93 -13.94 -24.03 -4.58
CA PHE B 93 -14.86 -22.94 -4.29
C PHE B 93 -15.99 -22.91 -5.31
N LYS B 94 -17.18 -22.60 -4.84
CA LYS B 94 -18.38 -22.38 -5.62
C LYS B 94 -19.01 -21.07 -5.12
N ASP B 95 -19.66 -20.31 -5.99
CA ASP B 95 -20.21 -19.03 -5.61
C ASP B 95 -21.12 -19.10 -4.39
N GLU B 96 -21.95 -20.15 -4.29
CA GLU B 96 -22.90 -20.24 -3.20
C GLU B 96 -22.26 -20.39 -1.83
N TYR B 97 -20.99 -20.72 -1.70
CA TYR B 97 -20.33 -20.73 -0.40
C TYR B 97 -20.09 -19.33 0.16
N LEU B 98 -20.32 -18.28 -0.62
CA LEU B 98 -20.26 -16.93 -0.08
C LEU B 98 -21.48 -16.60 0.78
N ASP B 99 -22.55 -17.39 0.64
CA ASP B 99 -23.77 -17.16 1.36
C ASP B 99 -23.65 -17.58 2.83
N LEU B 100 -24.07 -16.65 3.68
CA LEU B 100 -24.14 -16.97 5.11
C LEU B 100 -25.60 -17.25 5.40
N GLU B 101 -25.98 -18.44 5.84
CA GLU B 101 -27.42 -18.66 6.05
C GLU B 101 -27.93 -17.85 7.24
N ASN B 102 -28.41 -16.64 7.02
CA ASN B 102 -28.58 -15.69 8.14
C ASN B 102 -28.11 -14.36 7.57
N GLU B 103 -28.90 -13.40 7.06
CA GLU B 103 -28.15 -12.32 6.44
C GLU B 103 -27.95 -11.01 7.17
N ASN B 104 -27.50 -11.18 8.40
CA ASN B 104 -26.98 -10.11 9.24
C ASN B 104 -25.47 -10.39 9.24
N ASP B 105 -25.12 -11.69 9.27
CA ASP B 105 -23.73 -12.06 9.30
C ASP B 105 -22.99 -11.68 8.02
N ALA B 106 -21.67 -11.59 8.14
CA ALA B 106 -20.84 -11.25 7.00
C ALA B 106 -19.41 -11.74 7.22
N TRP B 107 -18.70 -11.86 6.10
CA TRP B 107 -17.31 -12.27 6.18
C TRP B 107 -16.45 -11.05 6.53
N TYR B 108 -15.71 -11.09 7.63
CA TYR B 108 -14.87 -9.91 7.87
C TYR B 108 -13.73 -9.84 6.86
N ILE B 109 -13.12 -11.00 6.59
CA ILE B 109 -12.03 -11.16 5.68
C ILE B 109 -12.25 -12.40 4.81
N ILE B 110 -11.99 -12.25 3.51
CA ILE B 110 -12.03 -13.35 2.57
C ILE B 110 -10.63 -13.52 1.97
N MSE B 111 -10.10 -14.72 2.05
CA MSE B 111 -8.73 -14.98 1.53
C MSE B 111 -8.70 -16.13 0.55
O MSE B 111 -9.36 -17.12 0.78
CB MSE B 111 -7.77 -15.36 2.69
CG MSE B 111 -7.38 -14.15 3.53
SE MSE B 111 -6.71 -14.61 5.25
CE MSE B 111 -8.31 -14.97 6.03
N THR B 112 -7.81 -16.04 -0.45
CA THR B 112 -7.57 -17.20 -1.29
C THR B 112 -6.09 -17.57 -1.34
N CYS B 113 -5.83 -18.87 -1.45
CA CYS B 113 -4.49 -19.38 -1.63
C CYS B 113 -4.59 -20.70 -2.40
N ILE B 114 -5.01 -20.58 -3.64
CA ILE B 114 -5.16 -21.74 -4.51
C ILE B 114 -4.24 -21.54 -5.71
N PRO B 115 -3.88 -22.62 -6.39
CA PRO B 115 -2.97 -22.56 -7.51
C PRO B 115 -3.59 -22.01 -8.77
N ASP B 116 -4.88 -21.73 -8.85
CA ASP B 116 -5.46 -21.20 -10.09
C ASP B 116 -5.58 -19.68 -10.02
N HIS B 117 -4.75 -18.95 -10.77
CA HIS B 117 -4.75 -17.50 -10.70
C HIS B 117 -5.97 -16.86 -11.31
N PRO B 118 -6.41 -17.23 -12.49
CA PRO B 118 -7.61 -16.69 -13.09
C PRO B 118 -8.83 -16.95 -12.23
N GLU B 119 -8.97 -18.11 -11.59
CA GLU B 119 -10.06 -18.38 -10.66
C GLU B 119 -9.94 -17.53 -9.41
N SER B 120 -8.74 -17.26 -8.90
CA SER B 120 -8.56 -16.41 -7.75
C SER B 120 -9.03 -14.98 -8.06
N ALA B 121 -8.68 -14.51 -9.26
CA ALA B 121 -9.04 -13.16 -9.68
C ALA B 121 -10.55 -13.06 -9.83
N ARG B 122 -11.17 -14.11 -10.37
CA ARG B 122 -12.63 -14.16 -10.48
C ARG B 122 -13.31 -14.09 -9.12
N ILE B 123 -12.81 -14.80 -8.11
CA ILE B 123 -13.33 -14.80 -6.75
C ILE B 123 -13.18 -13.41 -6.12
N TYR B 124 -11.99 -12.82 -6.28
CA TYR B 124 -11.75 -11.46 -5.78
C TYR B 124 -12.84 -10.52 -6.30
N HIS B 125 -13.01 -10.50 -7.62
CA HIS B 125 -13.96 -9.62 -8.30
C HIS B 125 -15.40 -9.95 -7.94
N LEU B 126 -15.77 -11.21 -7.80
CA LEU B 126 -17.11 -11.58 -7.34
C LEU B 126 -17.33 -11.08 -5.92
N CYS B 127 -16.32 -11.24 -5.04
CA CYS B 127 -16.48 -10.78 -3.67
C CYS B 127 -16.65 -9.27 -3.57
N LYS B 128 -15.87 -8.49 -4.33
CA LYS B 128 -16.02 -7.04 -4.33
C LYS B 128 -17.38 -6.64 -4.92
N GLU B 129 -17.83 -7.38 -5.93
CA GLU B 129 -19.12 -7.05 -6.52
C GLU B 129 -20.25 -7.38 -5.54
N ARG B 130 -20.24 -8.53 -4.88
CA ARG B 130 -21.28 -8.86 -3.94
C ARG B 130 -21.25 -8.08 -2.62
N PHE B 131 -20.06 -7.99 -2.02
CA PHE B 131 -20.00 -7.36 -0.71
C PHE B 131 -19.48 -5.94 -0.73
N GLY B 132 -19.26 -5.39 -1.91
CA GLY B 132 -18.74 -4.03 -2.04
C GLY B 132 -17.21 -3.97 -1.91
N LYS B 133 -16.65 -2.84 -2.31
CA LYS B 133 -15.20 -2.62 -2.24
C LYS B 133 -14.73 -2.49 -0.80
N GLN B 134 -15.60 -2.25 0.16
CA GLN B 134 -15.29 -2.30 1.57
C GLN B 134 -14.97 -3.72 2.05
N GLN B 135 -15.33 -4.77 1.31
CA GLN B 135 -15.02 -6.13 1.71
C GLN B 135 -13.50 -6.38 1.66
N LEU B 136 -12.86 -6.72 2.77
CA LEU B 136 -11.43 -7.05 2.74
C LEU B 136 -11.18 -8.38 2.04
N VAL B 137 -10.30 -8.36 1.06
CA VAL B 137 -9.87 -9.55 0.34
C VAL B 137 -8.34 -9.65 0.24
N ASN B 138 -7.81 -10.87 0.31
CA ASN B 138 -6.38 -11.10 0.10
C ASN B 138 -6.18 -12.34 -0.77
N VAL B 139 -5.56 -12.14 -1.94
CA VAL B 139 -5.25 -13.28 -2.82
C VAL B 139 -3.75 -13.58 -2.65
N ALA B 140 -3.40 -14.70 -2.04
CA ALA B 140 -2.00 -14.94 -1.72
C ALA B 140 -1.02 -14.67 -2.86
N ASP B 141 0.01 -13.91 -2.53
CA ASP B 141 1.12 -13.62 -3.43
C ASP B 141 0.73 -12.83 -4.67
N LYS B 142 -0.43 -12.18 -4.71
CA LYS B 142 -0.86 -11.38 -5.84
C LYS B 142 -1.21 -9.99 -5.30
N PRO B 143 -0.18 -9.15 -5.17
CA PRO B 143 -0.31 -7.82 -4.62
C PRO B 143 -1.43 -7.00 -5.20
N ASP B 144 -1.71 -7.00 -6.49
CA ASP B 144 -2.83 -6.24 -7.03
C ASP B 144 -4.20 -6.76 -6.61
N LEU B 145 -4.32 -7.98 -6.12
CA LEU B 145 -5.58 -8.51 -5.64
C LEU B 145 -5.59 -8.57 -4.11
N CYS B 146 -4.84 -7.70 -3.44
CA CYS B 146 -4.80 -7.71 -1.98
C CYS B 146 -5.09 -6.35 -1.36
N ASP B 147 -6.07 -6.30 -0.45
CA ASP B 147 -6.33 -5.07 0.29
C ASP B 147 -5.30 -4.84 1.38
N PHE B 148 -4.64 -5.90 1.82
CA PHE B 148 -3.68 -5.81 2.91
C PHE B 148 -2.62 -6.91 2.75
N TYR B 149 -1.53 -6.82 3.48
CA TYR B 149 -0.45 -7.80 3.40
C TYR B 149 -0.12 -8.32 4.80
N PHE B 150 0.11 -9.61 4.87
CA PHE B 150 0.63 -10.24 6.08
C PHE B 150 2.10 -9.82 6.08
N GLY B 151 2.85 -9.88 7.17
CA GLY B 151 4.26 -9.48 7.04
C GLY B 151 5.06 -10.42 7.93
N ALA B 152 6.14 -9.91 8.51
CA ALA B 152 6.93 -10.76 9.43
C ALA B 152 6.40 -10.46 10.83
N ASN B 153 6.24 -11.45 11.69
CA ASN B 153 5.71 -11.28 13.01
C ASN B 153 6.64 -11.81 14.10
N LEU B 154 6.39 -11.27 15.29
CA LEU B 154 7.05 -11.81 16.48
C LEU B 154 6.25 -11.38 17.70
N GLU B 155 6.32 -12.28 18.69
CA GLU B 155 5.66 -12.11 19.96
C GLU B 155 6.70 -11.86 21.06
N ILE B 156 6.46 -10.85 21.89
CA ILE B 156 7.32 -10.59 23.03
C ILE B 156 6.49 -10.96 24.27
N GLY B 157 6.61 -12.23 24.64
CA GLY B 157 5.95 -12.82 25.77
C GLY B 157 4.46 -12.70 25.89
N ASP B 158 3.68 -13.51 25.19
CA ASP B 158 2.25 -13.61 25.22
C ASP B 158 1.33 -12.41 25.19
N ARG B 159 1.72 -11.18 25.43
CA ARG B 159 0.81 -10.05 25.38
C ARG B 159 1.25 -8.97 24.42
N LEU B 160 2.40 -9.16 23.80
CA LEU B 160 2.93 -8.18 22.87
C LEU B 160 3.15 -8.82 21.51
N GLN B 161 2.60 -8.19 20.47
CA GLN B 161 2.74 -8.69 19.11
C GLN B 161 3.35 -7.61 18.22
N ILE B 162 4.31 -7.98 17.39
CA ILE B 162 4.94 -7.05 16.49
C ILE B 162 4.75 -7.53 15.05
N LEU B 163 4.42 -6.57 14.20
CA LEU B 163 4.27 -6.82 12.78
C LEU B 163 5.31 -5.97 12.03
N ILE B 164 6.00 -6.57 11.08
CA ILE B 164 7.00 -5.82 10.32
C ILE B 164 6.59 -5.85 8.85
N SER B 165 6.35 -4.69 8.27
CA SER B 165 5.92 -4.59 6.89
C SER B 165 6.92 -3.85 6.04
N THR B 166 6.98 -4.16 4.75
CA THR B 166 7.89 -3.42 3.89
C THR B 166 7.08 -2.68 2.83
N ASN B 167 7.53 -1.49 2.44
CA ASN B 167 6.80 -0.76 1.41
C ASN B 167 7.65 -0.87 0.16
N GLY B 168 7.48 -1.96 -0.58
CA GLY B 168 8.29 -2.14 -1.77
C GLY B 168 9.76 -2.45 -1.50
N LEU B 169 9.99 -3.52 -0.78
CA LEU B 169 11.26 -4.13 -0.48
C LEU B 169 10.87 -5.63 -0.43
N SER B 170 11.84 -6.48 -0.65
CA SER B 170 11.52 -7.91 -0.54
C SER B 170 11.14 -8.20 0.90
N PRO B 171 10.28 -9.18 1.10
CA PRO B 171 9.87 -9.68 2.41
C PRO B 171 11.05 -10.13 3.24
N ARG B 172 12.10 -10.58 2.56
CA ARG B 172 13.40 -10.88 3.10
C ARG B 172 13.86 -9.86 4.14
N PHE B 173 13.79 -8.57 3.82
CA PHE B 173 14.14 -7.50 4.73
C PHE B 173 13.31 -7.48 6.00
N GLY B 174 12.05 -7.88 5.90
CA GLY B 174 11.14 -7.96 7.02
C GLY B 174 11.56 -9.04 8.00
N ALA B 175 11.97 -10.18 7.45
CA ALA B 175 12.47 -11.28 8.26
C ALA B 175 13.77 -10.92 8.97
N LEU B 176 14.67 -10.20 8.32
CA LEU B 176 15.92 -9.76 8.92
C LEU B 176 15.66 -8.75 10.04
N VAL B 177 14.68 -7.87 9.84
CA VAL B 177 14.36 -6.90 10.89
C VAL B 177 13.74 -7.63 12.07
N ARG B 178 12.91 -8.63 11.81
CA ARG B 178 12.26 -9.43 12.82
C ARG B 178 13.26 -10.17 13.71
N ASP B 179 14.23 -10.83 13.07
CA ASP B 179 15.25 -11.58 13.81
C ASP B 179 16.06 -10.63 14.69
N GLU B 180 16.42 -9.48 14.16
CA GLU B 180 17.12 -8.43 14.90
C GLU B 180 16.33 -8.02 16.13
N ILE B 181 15.02 -7.77 15.98
CA ILE B 181 14.18 -7.39 17.11
C ILE B 181 14.10 -8.56 18.09
N ARG B 182 13.94 -9.77 17.56
CA ARG B 182 13.87 -10.95 18.43
C ARG B 182 15.18 -11.12 19.18
N ASN B 183 16.32 -10.90 18.53
CA ASN B 183 17.60 -11.02 19.22
C ASN B 183 17.69 -10.03 20.38
N LEU B 184 17.29 -8.80 20.13
CA LEU B 184 17.24 -7.75 21.13
C LEU B 184 16.48 -8.18 22.37
N PHE B 185 15.25 -8.69 22.27
CA PHE B 185 14.53 -9.09 23.47
C PHE B 185 15.07 -10.38 24.05
N THR B 186 15.62 -11.26 23.22
CA THR B 186 16.23 -12.48 23.73
C THR B 186 17.39 -12.12 24.65
N GLN B 187 18.27 -11.21 24.22
CA GLN B 187 19.38 -10.75 25.03
C GLN B 187 18.93 -10.06 26.30
N MSE B 188 17.82 -9.36 26.23
CA MSE B 188 17.26 -8.61 27.38
C MSE B 188 16.69 -9.53 28.45
O MSE B 188 16.64 -9.14 29.60
CB MSE B 188 16.16 -7.66 26.89
CG MSE B 188 15.67 -6.60 27.89
SE MSE B 188 14.93 -5.07 27.04
CE MSE B 188 16.47 -4.25 26.59
N GLY B 189 16.23 -10.71 28.07
CA GLY B 189 15.66 -11.65 29.02
C GLY B 189 14.39 -11.08 29.66
N ASP B 190 14.03 -11.65 30.79
CA ASP B 190 12.80 -11.34 31.48
C ASP B 190 12.55 -9.85 31.70
N LEU B 191 11.35 -9.41 31.33
CA LEU B 191 10.91 -8.04 31.45
C LEU B 191 9.93 -7.94 32.63
N ALA B 192 9.47 -9.12 33.02
CA ALA B 192 8.55 -9.30 34.13
C ALA B 192 7.40 -8.32 34.07
N LEU B 193 6.66 -8.34 32.96
CA LEU B 193 5.56 -7.41 32.74
C LEU B 193 4.46 -7.51 33.77
N GLU B 194 4.13 -8.70 34.28
CA GLU B 194 3.14 -8.84 35.35
C GLU B 194 3.38 -7.78 36.41
N ASP B 195 4.57 -7.81 37.02
CA ASP B 195 5.00 -6.87 38.02
C ASP B 195 5.14 -5.45 37.48
N ALA B 196 5.58 -5.30 36.23
CA ALA B 196 5.62 -3.95 35.66
C ALA B 196 4.18 -3.44 35.60
N VAL B 197 3.24 -4.29 35.20
CA VAL B 197 1.84 -3.89 35.15
C VAL B 197 1.39 -3.36 36.50
N VAL B 198 1.56 -4.18 37.54
CA VAL B 198 1.15 -3.77 38.89
C VAL B 198 1.72 -2.39 39.24
N LYS B 199 3.04 -2.29 39.27
CA LYS B 199 3.67 -1.03 39.64
C LYS B 199 3.25 0.15 38.81
N LEU B 200 3.00 0.04 37.50
CA LEU B 200 2.51 1.23 36.79
C LEU B 200 1.11 1.55 37.33
N GLY B 201 0.34 0.53 37.70
CA GLY B 201 -0.97 0.74 38.32
C GLY B 201 -0.80 1.54 39.60
N GLU B 202 -0.08 1.01 40.60
CA GLU B 202 0.07 1.78 41.83
C GLU B 202 0.82 3.08 41.59
N LEU B 203 1.71 3.16 40.60
CA LEU B 203 2.26 4.48 40.30
C LEU B 203 1.08 5.40 39.95
N ARG B 204 0.31 5.07 38.92
CA ARG B 204 -0.84 5.88 38.52
C ARG B 204 -1.75 6.28 39.68
N ARG B 205 -2.25 5.29 40.41
CA ARG B 205 -3.11 5.56 41.56
C ARG B 205 -2.41 6.56 42.46
N GLY B 206 -1.28 6.15 43.04
CA GLY B 206 -0.48 6.98 43.91
C GLY B 206 -0.42 8.44 43.50
N ILE B 207 -0.13 8.73 42.24
CA ILE B 207 -0.06 10.07 41.69
C ILE B 207 -1.43 10.76 41.61
N ARG B 208 -2.49 9.97 41.48
CA ARG B 208 -3.85 10.47 41.40
C ARG B 208 -4.25 10.90 42.81
N LEU B 209 -3.87 10.08 43.80
CA LEU B 209 -4.07 10.46 45.19
C LEU B 209 -3.37 11.75 45.59
N LEU B 210 -2.16 11.96 45.10
CA LEU B 210 -1.40 13.18 45.33
C LEU B 210 -1.81 14.20 44.26
N ALA B 211 -2.55 13.77 43.26
CA ALA B 211 -2.97 14.42 42.06
C ALA B 211 -3.05 15.93 41.95
N PRO B 212 -4.07 16.47 42.60
CA PRO B 212 -4.45 17.90 42.42
C PRO B 212 -4.61 18.13 40.96
N ASP B 213 -5.69 17.39 40.74
CA ASP B 213 -6.67 16.83 39.94
C ASP B 213 -6.98 17.63 38.71
N ASP B 214 -8.26 17.76 38.38
CA ASP B 214 -8.50 18.27 37.05
C ASP B 214 -7.78 19.54 36.67
N LYS B 215 -6.88 19.42 35.70
CA LYS B 215 -6.38 20.59 35.03
C LYS B 215 -4.88 20.75 34.88
N ASP B 216 -4.10 20.25 35.81
CA ASP B 216 -2.67 20.28 35.49
C ASP B 216 -2.53 18.86 34.90
N VAL B 217 -3.34 18.01 35.53
CA VAL B 217 -3.66 16.63 35.32
C VAL B 217 -4.02 16.24 33.90
N LYS B 218 -2.88 16.10 33.28
CA LYS B 218 -2.30 15.85 32.02
C LYS B 218 -0.82 15.79 32.41
N TYR B 219 -0.50 16.54 33.47
CA TYR B 219 0.83 16.57 34.08
C TYR B 219 1.04 15.17 34.66
N ARG B 220 -0.01 14.65 35.30
CA ARG B 220 -0.05 13.28 35.77
C ARG B 220 0.26 12.31 34.63
N MSE B 221 -0.34 12.55 33.48
CA MSE B 221 -0.08 11.75 32.26
C MSE B 221 1.34 11.95 31.75
O MSE B 221 2.02 10.98 31.49
CB MSE B 221 -1.00 12.19 31.10
CG MSE B 221 -2.37 11.50 30.98
SE MSE B 221 -3.58 12.45 29.88
CE MSE B 221 -2.82 12.10 28.26
N ASP B 222 1.73 13.21 31.54
CA ASP B 222 3.07 13.51 31.03
C ASP B 222 4.16 13.15 32.03
N TRP B 223 3.82 13.16 33.32
CA TRP B 223 4.77 12.80 34.35
C TRP B 223 4.98 11.29 34.35
N ALA B 224 3.91 10.51 34.40
CA ALA B 224 4.03 9.06 34.37
C ALA B 224 4.71 8.56 33.10
N ARG B 225 4.53 9.26 31.99
CA ARG B 225 5.04 8.88 30.69
C ARG B 225 6.54 9.11 30.57
N ARG B 226 6.97 10.31 30.95
CA ARG B 226 8.38 10.65 30.89
C ARG B 226 9.20 9.82 31.88
N CYS B 227 8.63 9.55 33.04
CA CYS B 227 9.25 8.76 34.08
C CYS B 227 9.45 7.33 33.61
N THR B 228 8.40 6.72 33.06
CA THR B 228 8.44 5.36 32.55
C THR B 228 9.26 5.24 31.27
N ASP B 229 9.29 6.28 30.45
CA ASP B 229 10.17 6.29 29.28
C ASP B 229 11.63 6.25 29.76
N LEU B 230 11.96 6.99 30.82
CA LEU B 230 13.31 6.98 31.34
C LEU B 230 13.66 5.62 31.96
N PHE B 231 12.71 4.89 32.56
CA PHE B 231 13.02 3.52 32.98
C PHE B 231 13.03 2.56 31.79
N GLY B 232 12.14 2.78 30.82
CA GLY B 232 12.13 1.91 29.64
C GLY B 232 11.45 0.58 29.94
N ILE B 233 11.26 -0.24 28.90
CA ILE B 233 10.61 -1.53 29.09
C ILE B 233 11.45 -2.48 29.93
N GLN B 234 12.76 -2.29 29.91
CA GLN B 234 13.68 -3.12 30.65
C GLN B 234 13.57 -3.01 32.16
N HIS B 235 13.28 -1.82 32.68
CA HIS B 235 13.26 -1.56 34.11
C HIS B 235 11.92 -1.21 34.72
N CYS B 236 10.84 -0.98 33.98
CA CYS B 236 9.58 -0.63 34.61
C CYS B 236 9.13 -1.61 35.68
N HIS B 237 9.42 -2.90 35.57
CA HIS B 237 9.12 -3.91 36.57
C HIS B 237 9.88 -3.71 37.88
N ASN B 238 10.98 -2.98 37.84
CA ASN B 238 11.81 -2.77 39.00
C ASN B 238 11.71 -1.37 39.61
N ILE B 239 10.64 -0.62 39.38
CA ILE B 239 10.59 0.72 39.97
C ILE B 239 10.16 0.64 41.43
N ASP B 240 10.72 1.52 42.25
CA ASP B 240 10.31 1.58 43.66
C ASP B 240 9.21 2.65 43.66
N VAL B 241 7.96 2.20 43.65
CA VAL B 241 6.85 3.15 43.55
C VAL B 241 6.87 4.23 44.61
N LYS B 242 7.12 3.89 45.87
CA LYS B 242 7.09 4.91 46.91
C LYS B 242 8.13 6.01 46.71
N ARG B 243 9.34 5.65 46.31
CA ARG B 243 10.36 6.69 46.08
C ARG B 243 9.97 7.59 44.93
N LEU B 244 9.36 7.03 43.88
CA LEU B 244 8.93 7.81 42.75
C LEU B 244 7.75 8.71 43.15
N LEU B 245 6.86 8.20 43.99
CA LEU B 245 5.76 9.03 44.49
C LEU B 245 6.30 10.21 45.28
N ASP B 246 7.37 10.00 46.06
CA ASP B 246 7.97 11.10 46.82
C ASP B 246 8.64 12.08 45.86
N LEU B 247 9.22 11.58 44.77
CA LEU B 247 9.80 12.47 43.77
C LEU B 247 8.71 13.23 43.02
N PHE B 248 7.56 12.61 42.77
CA PHE B 248 6.50 13.31 42.05
C PHE B 248 5.97 14.47 42.90
N LYS B 249 5.60 14.13 44.14
CA LYS B 249 5.12 15.11 45.11
C LYS B 249 5.94 16.39 45.05
N VAL B 250 7.25 16.27 45.11
CA VAL B 250 8.21 17.36 45.00
C VAL B 250 8.23 18.04 43.63
N MSE B 251 8.14 17.24 42.56
CA MSE B 251 8.14 17.91 41.21
C MSE B 251 6.76 18.53 40.99
O MSE B 251 6.74 19.66 40.55
CB MSE B 251 8.64 17.02 40.05
CG MSE B 251 9.65 15.95 40.44
SE MSE B 251 10.30 14.94 38.95
CE MSE B 251 11.70 16.06 38.63
N PHE B 252 5.66 17.93 41.40
CA PHE B 252 4.31 18.48 41.21
C PHE B 252 4.09 19.75 42.01
N GLN B 253 3.97 19.62 43.33
CA GLN B 253 3.95 20.80 44.20
C GLN B 253 5.35 21.41 44.11
N GLU B 254 5.81 22.06 45.16
CA GLU B 254 7.10 22.67 45.34
C GLU B 254 8.13 22.67 44.23
N GLN B 255 7.82 22.86 42.96
CA GLN B 255 8.70 22.90 41.81
C GLN B 255 7.95 23.36 40.56
N ASN B 256 6.64 23.51 40.73
CA ASN B 256 5.76 24.01 39.68
C ASN B 256 5.71 23.07 38.49
N CYS B 257 5.09 21.94 38.82
CA CYS B 257 4.97 20.83 37.89
C CYS B 257 6.26 20.71 37.09
N SER B 258 7.40 20.49 37.75
CA SER B 258 8.60 20.32 36.94
C SER B 258 8.38 19.02 36.17
N LEU B 259 9.02 18.95 35.02
CA LEU B 259 8.86 17.75 34.18
C LEU B 259 10.26 17.26 33.85
N GLN B 260 11.22 17.92 34.47
CA GLN B 260 12.64 17.70 34.33
C GLN B 260 13.25 16.70 35.31
N PHE B 261 13.03 15.41 35.11
CA PHE B 261 13.56 14.37 35.97
C PHE B 261 15.07 14.43 36.04
N PRO B 262 15.63 13.68 36.99
CA PRO B 262 17.07 13.53 37.09
C PRO B 262 17.52 12.67 35.91
N PRO B 263 18.80 12.77 35.56
CA PRO B 263 19.39 11.99 34.48
C PRO B 263 19.07 10.51 34.64
N ARG B 264 18.90 9.79 33.54
CA ARG B 264 18.54 8.38 33.61
C ARG B 264 19.40 7.56 34.55
N GLU B 265 20.72 7.64 34.47
CA GLU B 265 21.61 6.84 35.31
C GLU B 265 21.28 6.95 36.79
N ARG B 266 21.02 8.16 37.26
CA ARG B 266 20.63 8.41 38.64
C ARG B 266 19.25 7.87 39.00
N LEU B 267 18.28 8.11 38.12
CA LEU B 267 16.92 7.62 38.32
C LEU B 267 16.93 6.12 38.55
N LEU B 268 17.71 5.40 37.73
CA LEU B 268 17.86 3.97 37.87
C LEU B 268 18.57 3.55 39.15
N SER B 269 19.51 4.35 39.68
CA SER B 269 20.19 3.92 40.90
C SER B 269 19.44 4.33 42.16
N GLU B 270 18.80 5.48 42.19
CA GLU B 270 18.07 5.92 43.38
C GLU B 270 16.61 5.49 43.47
N TYR B 271 15.95 5.12 42.37
CA TYR B 271 14.51 4.86 42.38
C TYR B 271 14.04 3.48 41.94
N CYS B 272 14.96 2.52 41.81
CA CYS B 272 14.57 1.17 41.46
C CYS B 272 14.46 0.38 42.76
N SER B 273 13.70 -0.70 42.77
CA SER B 273 13.59 -1.51 43.99
C SER B 273 14.96 -2.10 44.31
N MSE C 1 -6.11 0.48 -48.98
CA MSE C 1 -5.56 1.22 -47.82
C MSE C 1 -6.18 0.78 -46.50
O MSE C 1 -7.34 1.07 -46.20
CB MSE C 1 -5.78 2.73 -47.92
CG MSE C 1 -4.61 3.51 -47.33
SE MSE C 1 -3.26 3.63 -48.68
CE MSE C 1 -2.20 2.24 -46.68
N VAL C 2 -5.32 0.25 -45.66
CA VAL C 2 -5.71 -0.13 -44.30
C VAL C 2 -5.26 1.02 -43.40
N LYS C 3 -5.97 1.29 -42.32
CA LYS C 3 -5.58 2.34 -41.40
C LYS C 3 -4.90 1.74 -40.17
N SER C 4 -4.09 2.53 -39.49
CA SER C 4 -3.44 2.07 -38.28
C SER C 4 -4.50 2.03 -37.16
N LEU C 5 -4.28 1.24 -36.12
CA LEU C 5 -5.07 1.36 -34.91
C LEU C 5 -4.25 2.19 -33.92
N GLN C 6 -4.70 3.40 -33.57
CA GLN C 6 -3.98 4.25 -32.64
C GLN C 6 -4.45 3.97 -31.21
N LEU C 7 -3.48 3.65 -30.35
CA LEU C 7 -3.75 3.31 -28.97
C LEU C 7 -2.84 4.09 -28.03
N ALA C 8 -3.34 4.32 -26.84
CA ALA C 8 -2.63 4.99 -25.77
C ALA C 8 -2.30 3.95 -24.69
N HIS C 9 -1.05 3.53 -24.64
CA HIS C 9 -0.60 2.48 -23.74
C HIS C 9 -0.28 3.04 -22.37
N GLN C 10 -0.66 2.30 -21.33
CA GLN C 10 -0.38 2.70 -19.96
C GLN C 10 0.85 1.94 -19.50
N LEU C 11 2.02 2.58 -19.50
CA LEU C 11 3.25 1.88 -19.18
C LEU C 11 3.82 2.06 -17.78
N LYS C 12 3.09 2.68 -16.87
CA LYS C 12 3.65 2.90 -15.54
C LYS C 12 4.14 1.59 -14.95
N ASP C 13 5.39 1.45 -14.56
CA ASP C 13 5.93 0.22 -14.02
C ASP C 13 6.01 -0.96 -14.96
N LYS C 14 5.81 -0.82 -16.26
CA LYS C 14 5.95 -1.97 -17.16
C LYS C 14 7.41 -2.05 -17.59
N ARG C 15 7.94 -3.25 -17.74
CA ARG C 15 9.32 -3.43 -18.16
C ARG C 15 9.45 -3.13 -19.66
N ILE C 16 10.44 -2.30 -20.02
CA ILE C 16 10.64 -1.99 -21.44
C ILE C 16 12.09 -2.31 -21.77
N LEU C 17 12.33 -2.96 -22.90
CA LEU C 17 13.70 -3.30 -23.28
C LEU C 17 14.11 -2.46 -24.49
N LEU C 18 15.18 -1.68 -24.36
CA LEU C 18 15.66 -0.85 -25.46
C LEU C 18 17.10 -1.26 -25.81
N ILE C 19 17.33 -1.66 -27.05
CA ILE C 19 18.66 -2.10 -27.47
C ILE C 19 19.26 -1.07 -28.43
N GLY C 20 20.37 -0.46 -28.05
CA GLY C 20 21.03 0.57 -28.86
C GLY C 20 20.85 1.94 -28.21
N GLY C 21 21.91 2.59 -27.72
CA GLY C 21 21.71 3.89 -27.07
C GLY C 21 22.43 5.04 -27.76
N GLY C 22 22.24 5.16 -29.07
CA GLY C 22 22.85 6.22 -29.87
C GLY C 22 21.83 7.31 -30.18
N GLU C 23 21.89 7.88 -31.38
CA GLU C 23 20.97 8.94 -31.74
C GLU C 23 19.53 8.46 -31.79
N VAL C 24 19.25 7.30 -32.38
CA VAL C 24 17.85 6.84 -32.42
C VAL C 24 17.40 6.38 -31.03
N GLY C 25 18.25 5.72 -30.28
CA GLY C 25 17.95 5.28 -28.91
C GLY C 25 17.56 6.46 -28.02
N LEU C 26 18.30 7.56 -28.13
CA LEU C 26 18.00 8.79 -27.43
C LEU C 26 16.60 9.29 -27.72
N THR C 27 16.19 9.33 -28.99
CA THR C 27 14.84 9.76 -29.32
C THR C 27 13.81 8.78 -28.74
N ARG C 28 14.08 7.49 -28.73
CA ARG C 28 13.17 6.54 -28.06
C ARG C 28 13.06 6.88 -26.57
N LEU C 29 14.17 7.18 -25.89
CA LEU C 29 14.17 7.56 -24.49
C LEU C 29 13.35 8.81 -24.22
N TYR C 30 13.35 9.78 -25.14
CA TYR C 30 12.46 10.93 -24.98
C TYR C 30 11.00 10.50 -24.95
N LYS C 31 10.59 9.57 -25.81
CA LYS C 31 9.21 9.15 -25.83
C LYS C 31 8.89 8.28 -24.61
N LEU C 32 9.85 7.46 -24.18
CA LEU C 32 9.58 6.47 -23.17
C LEU C 32 9.73 6.92 -21.74
N MSE C 33 10.55 7.94 -21.50
CA MSE C 33 10.70 8.32 -20.08
C MSE C 33 9.62 8.93 -19.27
O MSE C 33 9.51 8.49 -18.14
CB MSE C 33 12.06 9.01 -19.80
CG MSE C 33 13.38 8.34 -20.18
SE MSE C 33 14.03 7.11 -18.87
CE MSE C 33 13.08 5.69 -19.43
N PRO C 34 8.75 9.70 -19.89
CA PRO C 34 7.65 10.30 -19.16
C PRO C 34 6.50 9.33 -18.94
N THR C 35 6.64 8.06 -19.34
CA THR C 35 5.54 7.12 -19.23
C THR C 35 5.54 6.32 -17.94
N GLY C 36 6.54 6.45 -17.09
CA GLY C 36 6.63 5.70 -15.84
C GLY C 36 7.14 4.28 -16.10
N CYS C 37 7.58 3.99 -17.33
CA CYS C 37 8.04 2.66 -17.67
C CYS C 37 9.37 2.37 -16.97
N LYS C 38 9.57 1.08 -16.74
CA LYS C 38 10.79 0.61 -16.09
C LYS C 38 11.71 0.00 -17.14
N LEU C 39 12.63 0.81 -17.62
CA LEU C 39 13.43 0.46 -18.79
C LEU C 39 14.85 -0.03 -18.57
N THR C 40 15.16 -1.02 -19.38
CA THR C 40 16.46 -1.65 -19.48
C THR C 40 17.04 -1.23 -20.85
N LEU C 41 18.21 -0.62 -20.79
CA LEU C 41 18.89 -0.16 -21.99
C LEU C 41 20.13 -1.00 -22.24
N VAL C 42 20.24 -1.66 -23.40
CA VAL C 42 21.43 -2.47 -23.70
C VAL C 42 22.24 -1.76 -24.78
N SER C 43 23.48 -1.35 -24.52
CA SER C 43 24.29 -0.64 -25.50
C SER C 43 25.73 -0.54 -24.98
N PRO C 44 26.69 -0.87 -25.84
CA PRO C 44 28.10 -0.81 -25.49
C PRO C 44 28.52 0.64 -25.29
N ASP C 45 27.97 1.59 -26.03
CA ASP C 45 28.27 2.99 -25.90
C ASP C 45 26.98 3.80 -25.79
N LEU C 46 27.09 5.05 -25.35
CA LEU C 46 25.90 5.87 -25.19
C LEU C 46 26.08 7.27 -25.76
N HIS C 47 25.00 7.78 -26.34
CA HIS C 47 25.04 9.17 -26.82
C HIS C 47 25.37 9.98 -25.56
N LYS C 48 25.98 11.14 -25.69
CA LYS C 48 26.39 11.93 -24.54
C LYS C 48 25.30 12.47 -23.64
N SER C 49 24.14 12.79 -24.19
CA SER C 49 23.03 13.30 -23.39
C SER C 49 22.41 12.27 -22.47
N ILE C 50 22.53 10.98 -22.74
CA ILE C 50 21.80 9.96 -21.99
C ILE C 50 22.13 9.94 -20.50
N ILE C 51 23.40 9.89 -20.10
CA ILE C 51 23.68 9.85 -18.67
C ILE C 51 23.16 11.10 -17.97
N PRO C 52 23.51 12.29 -18.42
CA PRO C 52 23.02 13.52 -17.82
C PRO C 52 21.51 13.60 -17.78
N LYS C 53 20.84 13.31 -18.90
CA LYS C 53 19.39 13.42 -18.88
C LYS C 53 18.69 12.32 -18.11
N PHE C 54 19.07 11.06 -18.29
CA PHE C 54 18.23 9.94 -17.88
C PHE C 54 18.85 8.90 -16.96
N GLY C 55 20.13 9.05 -16.61
CA GLY C 55 20.75 8.02 -15.77
C GLY C 55 22.03 8.48 -15.13
N LYS C 56 21.97 9.49 -14.27
CA LYS C 56 23.14 10.03 -13.59
C LYS C 56 23.78 8.98 -12.71
N PHE C 57 23.01 8.03 -12.18
CA PHE C 57 23.52 6.89 -11.44
C PHE C 57 24.54 6.09 -12.25
N ILE C 58 24.45 6.05 -13.58
CA ILE C 58 25.45 5.38 -14.41
C ILE C 58 26.82 6.01 -14.17
N GLN C 59 26.94 7.30 -13.92
CA GLN C 59 28.17 8.01 -13.61
C GLN C 59 29.37 7.46 -14.38
N LYS C 71 29.62 -3.90 -16.17
CA LYS C 71 28.67 -4.23 -17.22
C LYS C 71 27.26 -3.82 -16.90
N ARG C 72 26.77 -4.10 -15.70
CA ARG C 72 25.40 -3.72 -15.35
C ARG C 72 25.27 -2.62 -14.32
N PHE C 73 24.41 -1.64 -14.59
CA PHE C 73 24.17 -0.56 -13.65
C PHE C 73 22.68 -0.50 -13.34
N ILE C 74 22.35 -0.73 -12.08
CA ILE C 74 20.99 -0.72 -11.59
C ILE C 74 20.74 0.60 -10.86
N ASN C 75 19.70 1.32 -11.24
CA ASN C 75 19.42 2.57 -10.53
C ASN C 75 18.87 2.16 -9.16
N PRO C 76 19.54 2.57 -8.09
CA PRO C 76 19.11 2.21 -6.74
C PRO C 76 17.87 2.92 -6.27
N ASN C 77 17.54 4.08 -6.81
CA ASN C 77 16.36 4.83 -6.42
C ASN C 77 15.34 5.03 -7.52
N TRP C 78 15.19 4.05 -8.38
CA TRP C 78 14.25 4.13 -9.48
C TRP C 78 12.82 4.22 -8.96
N ASP C 79 11.99 5.04 -9.57
CA ASP C 79 10.55 5.06 -9.41
C ASP C 79 10.00 5.69 -10.69
N PRO C 80 8.75 5.47 -11.02
CA PRO C 80 8.15 5.96 -12.24
C PRO C 80 8.18 7.46 -12.46
N THR C 81 8.21 8.29 -11.42
CA THR C 81 8.22 9.72 -11.57
C THR C 81 9.62 10.26 -11.85
N LYS C 82 10.65 9.45 -11.67
CA LYS C 82 12.01 9.88 -11.91
C LYS C 82 12.36 10.20 -13.35
N ASN C 83 11.67 9.61 -14.32
CA ASN C 83 12.02 9.79 -15.73
C ASN C 83 13.44 9.28 -15.91
N GLU C 84 13.74 8.10 -15.36
CA GLU C 84 15.11 7.61 -15.40
C GLU C 84 15.18 6.12 -15.75
N ILE C 85 16.18 5.85 -16.57
CA ILE C 85 16.51 4.48 -16.91
C ILE C 85 16.57 3.69 -15.61
N TYR C 86 16.12 2.45 -15.64
CA TYR C 86 16.19 1.65 -14.42
C TYR C 86 17.47 0.81 -14.41
N GLU C 87 17.84 0.26 -15.55
CA GLU C 87 18.97 -0.63 -15.68
C GLU C 87 19.74 -0.42 -16.97
N TYR C 88 21.06 -0.26 -16.89
CA TYR C 88 21.92 -0.09 -18.05
C TYR C 88 22.91 -1.24 -18.12
N ILE C 89 22.90 -1.97 -19.23
CA ILE C 89 23.81 -3.09 -19.43
C ILE C 89 24.77 -2.64 -20.54
N ARG C 90 26.02 -2.43 -20.16
CA ARG C 90 27.03 -1.91 -21.08
C ARG C 90 27.54 -3.04 -21.95
N SER C 91 26.91 -3.26 -23.11
CA SER C 91 27.32 -4.39 -23.93
C SER C 91 26.48 -4.45 -25.19
N ASP C 92 26.96 -5.24 -26.15
CA ASP C 92 26.15 -5.53 -27.32
C ASP C 92 25.06 -6.47 -26.78
N PHE C 93 23.92 -6.50 -27.43
CA PHE C 93 22.85 -7.39 -26.99
C PHE C 93 23.32 -8.83 -26.93
N LYS C 94 22.94 -9.58 -25.90
CA LYS C 94 23.19 -11.02 -25.79
C LYS C 94 21.84 -11.69 -25.56
N ASP C 95 21.56 -12.90 -26.03
CA ASP C 95 20.24 -13.48 -25.85
C ASP C 95 19.81 -13.56 -24.40
N GLU C 96 20.74 -13.82 -23.48
CA GLU C 96 20.44 -13.90 -22.07
C GLU C 96 19.84 -12.63 -21.48
N TYR C 97 19.99 -11.46 -22.08
CA TYR C 97 19.34 -10.25 -21.59
C TYR C 97 17.83 -10.26 -21.74
N LEU C 98 17.21 -11.21 -22.41
CA LEU C 98 15.75 -11.29 -22.49
C LEU C 98 15.17 -11.85 -21.20
N ASP C 99 15.97 -12.59 -20.44
CA ASP C 99 15.49 -13.23 -19.25
C ASP C 99 15.19 -12.17 -18.18
N LEU C 100 14.00 -12.32 -17.60
CA LEU C 100 13.70 -11.44 -16.47
C LEU C 100 13.86 -12.29 -15.20
N GLU C 101 14.44 -11.66 -14.19
CA GLU C 101 14.72 -12.26 -12.90
C GLU C 101 13.46 -12.87 -12.29
N ASN C 102 12.50 -12.00 -11.95
CA ASN C 102 11.23 -12.52 -11.42
C ASN C 102 10.54 -13.25 -12.57
N GLU C 103 10.04 -14.46 -12.39
CA GLU C 103 9.52 -15.32 -13.43
C GLU C 103 8.20 -15.13 -14.13
N ASN C 104 7.24 -14.39 -13.62
CA ASN C 104 5.91 -14.27 -14.21
C ASN C 104 5.72 -13.00 -15.02
N ASP C 105 6.80 -12.28 -15.03
CA ASP C 105 7.16 -10.98 -15.53
C ASP C 105 7.54 -10.94 -17.00
N ALA C 106 7.35 -9.79 -17.65
CA ALA C 106 7.55 -9.73 -19.09
C ALA C 106 7.95 -8.36 -19.63
N TRP C 107 8.44 -8.39 -20.85
CA TRP C 107 8.73 -7.14 -21.55
C TRP C 107 7.45 -6.67 -22.24
N TYR C 108 6.99 -5.48 -21.89
CA TYR C 108 5.79 -5.01 -22.57
C TYR C 108 6.17 -4.65 -24.00
N ILE C 109 7.33 -4.00 -24.19
CA ILE C 109 7.73 -3.66 -25.54
C ILE C 109 9.23 -3.90 -25.65
N ILE C 110 9.68 -4.43 -26.78
CA ILE C 110 11.10 -4.63 -27.02
C ILE C 110 11.46 -3.81 -28.26
N MSE C 111 12.44 -2.94 -28.11
CA MSE C 111 12.85 -2.05 -29.25
C MSE C 111 14.32 -2.16 -29.59
O MSE C 111 15.14 -2.24 -28.71
CB MSE C 111 12.55 -0.56 -28.90
CG MSE C 111 11.05 -0.24 -29.02
SE MSE C 111 10.58 1.41 -28.20
CE MSE C 111 10.59 0.81 -26.48
N THR C 112 14.69 -2.08 -30.87
CA THR C 112 16.08 -2.03 -31.28
C THR C 112 16.36 -0.78 -32.10
N CYS C 113 17.55 -0.23 -31.99
CA CYS C 113 17.94 0.92 -32.82
C CYS C 113 19.47 0.85 -32.90
N ILE C 114 19.87 -0.25 -33.55
CA ILE C 114 21.29 -0.50 -33.76
C ILE C 114 21.49 -0.47 -35.28
N PRO C 115 22.71 -0.25 -35.70
CA PRO C 115 23.09 -0.16 -37.10
C PRO C 115 23.14 -1.49 -37.83
N ASP C 116 23.22 -2.61 -37.15
CA ASP C 116 23.32 -3.93 -37.77
C ASP C 116 21.95 -4.49 -38.12
N HIS C 117 21.59 -4.44 -39.41
CA HIS C 117 20.29 -4.91 -39.86
C HIS C 117 20.06 -6.39 -39.62
N PRO C 118 20.95 -7.28 -40.03
CA PRO C 118 20.80 -8.71 -39.82
C PRO C 118 20.67 -9.05 -38.35
N GLU C 119 21.47 -8.40 -37.50
CA GLU C 119 21.39 -8.63 -36.06
C GLU C 119 20.07 -8.10 -35.51
N SER C 120 19.54 -7.00 -36.05
CA SER C 120 18.24 -6.52 -35.64
C SER C 120 17.14 -7.52 -35.99
N ALA C 121 17.20 -8.10 -37.19
CA ALA C 121 16.22 -9.10 -37.60
C ALA C 121 16.32 -10.35 -36.75
N ARG C 122 17.54 -10.78 -36.41
CA ARG C 122 17.73 -11.94 -35.53
C ARG C 122 17.05 -11.70 -34.17
N ILE C 123 17.19 -10.51 -33.60
CA ILE C 123 16.59 -10.15 -32.33
C ILE C 123 15.07 -10.12 -32.44
N TYR C 124 14.52 -9.51 -33.49
CA TYR C 124 13.08 -9.47 -33.68
C TYR C 124 12.53 -10.90 -33.64
N HIS C 125 13.09 -11.76 -34.48
CA HIS C 125 12.67 -13.14 -34.58
C HIS C 125 12.87 -13.94 -33.31
N LEU C 126 13.95 -13.73 -32.58
CA LEU C 126 14.19 -14.43 -31.32
C LEU C 126 13.14 -14.02 -30.29
N CYS C 127 12.84 -12.72 -30.24
CA CYS C 127 11.80 -12.23 -29.35
C CYS C 127 10.43 -12.79 -29.70
N LYS C 128 10.08 -12.87 -30.99
CA LYS C 128 8.78 -13.40 -31.38
C LYS C 128 8.73 -14.91 -31.12
N GLU C 129 9.88 -15.57 -31.22
CA GLU C 129 9.91 -17.01 -30.95
C GLU C 129 9.80 -17.24 -29.45
N ARG C 130 10.60 -16.56 -28.65
CA ARG C 130 10.56 -16.68 -27.20
C ARG C 130 9.21 -16.28 -26.58
N PHE C 131 8.73 -15.12 -26.98
CA PHE C 131 7.57 -14.52 -26.34
C PHE C 131 6.28 -14.55 -27.13
N GLY C 132 6.30 -15.19 -28.27
CA GLY C 132 5.11 -15.37 -29.11
C GLY C 132 4.94 -14.19 -30.03
N LYS C 133 4.12 -14.31 -31.07
CA LYS C 133 3.90 -13.15 -31.95
C LYS C 133 3.06 -12.06 -31.31
N GLN C 134 2.57 -12.24 -30.10
CA GLN C 134 1.86 -11.21 -29.35
C GLN C 134 2.81 -10.20 -28.71
N GLN C 135 4.09 -10.55 -28.69
CA GLN C 135 5.12 -9.68 -28.14
C GLN C 135 5.28 -8.47 -29.06
N LEU C 136 5.09 -7.27 -28.54
CA LEU C 136 5.32 -6.06 -29.34
C LEU C 136 6.82 -5.82 -29.56
N VAL C 137 7.20 -5.57 -30.81
CA VAL C 137 8.57 -5.31 -31.19
C VAL C 137 8.59 -4.16 -32.22
N ASN C 138 9.63 -3.34 -32.16
CA ASN C 138 9.80 -2.25 -33.11
C ASN C 138 11.31 -2.16 -33.40
N VAL C 139 11.64 -2.31 -34.66
CA VAL C 139 13.01 -2.19 -35.15
C VAL C 139 13.04 -0.87 -35.89
N ALA C 140 13.74 0.11 -35.33
CA ALA C 140 13.80 1.45 -35.88
C ALA C 140 14.11 1.48 -37.38
N ASP C 141 13.26 2.18 -38.10
CA ASP C 141 13.35 2.42 -39.53
C ASP C 141 13.23 1.16 -40.37
N LYS C 142 12.67 0.07 -39.86
CA LYS C 142 12.42 -1.14 -40.61
C LYS C 142 10.95 -1.57 -40.43
N PRO C 143 10.08 -1.02 -41.26
CA PRO C 143 8.64 -1.24 -41.19
C PRO C 143 8.16 -2.68 -41.20
N ASP C 144 8.85 -3.56 -41.92
CA ASP C 144 8.51 -4.99 -41.90
C ASP C 144 8.81 -5.62 -40.55
N LEU C 145 9.65 -5.01 -39.73
CA LEU C 145 9.97 -5.54 -38.41
C LEU C 145 9.36 -4.69 -37.31
N CYS C 146 8.24 -4.03 -37.55
CA CYS C 146 7.61 -3.21 -36.53
C CYS C 146 6.13 -3.56 -36.39
N ASP C 147 5.68 -3.82 -35.17
CA ASP C 147 4.27 -4.04 -34.92
C ASP C 147 3.54 -2.70 -34.88
N PHE C 148 4.28 -1.63 -34.61
CA PHE C 148 3.65 -0.33 -34.50
C PHE C 148 4.62 0.76 -34.96
N TYR C 149 4.13 1.97 -35.13
CA TYR C 149 4.95 3.12 -35.42
C TYR C 149 4.67 4.22 -34.38
N PHE C 150 5.67 5.07 -34.26
CA PHE C 150 5.57 6.29 -33.46
C PHE C 150 5.08 7.29 -34.50
N GLY C 151 4.62 8.50 -34.29
CA GLY C 151 4.27 9.32 -35.49
C GLY C 151 4.57 10.76 -35.08
N ALA C 152 4.04 11.76 -35.75
CA ALA C 152 4.29 13.12 -35.26
C ALA C 152 3.39 13.31 -34.03
N ASN C 153 3.90 13.94 -32.99
CA ASN C 153 3.22 14.20 -31.76
C ASN C 153 3.20 15.69 -31.40
N LEU C 154 2.36 16.03 -30.44
CA LEU C 154 2.46 17.32 -29.78
C LEU C 154 1.69 17.20 -28.47
N GLU C 155 2.07 18.04 -27.52
CA GLU C 155 1.43 18.08 -26.22
C GLU C 155 0.77 19.44 -26.06
N ILE C 156 -0.50 19.39 -25.68
CA ILE C 156 -1.27 20.60 -25.39
C ILE C 156 -1.27 20.69 -23.87
N GLY C 157 -0.39 21.57 -23.39
CA GLY C 157 -0.22 21.71 -21.94
C GLY C 157 0.70 20.55 -21.53
N ASP C 158 0.46 20.00 -20.35
CA ASP C 158 1.26 18.89 -19.86
C ASP C 158 0.37 17.67 -19.63
N ARG C 159 -0.87 17.78 -20.07
CA ARG C 159 -1.82 16.69 -19.86
C ARG C 159 -2.54 16.23 -21.12
N LEU C 160 -2.32 16.91 -22.23
CA LEU C 160 -3.02 16.46 -23.45
C LEU C 160 -1.98 16.03 -24.45
N GLN C 161 -2.17 14.85 -25.03
CA GLN C 161 -1.22 14.34 -26.02
C GLN C 161 -1.96 14.03 -27.32
N ILE C 162 -1.34 14.38 -28.44
CA ILE C 162 -1.90 14.16 -29.75
C ILE C 162 -0.94 13.33 -30.62
N LEU C 163 -1.46 12.32 -31.29
CA LEU C 163 -0.66 11.49 -32.17
C LEU C 163 -1.22 11.62 -33.58
N ILE C 164 -0.39 11.88 -34.57
CA ILE C 164 -0.85 12.01 -35.96
C ILE C 164 -0.31 10.86 -36.77
N SER C 165 -1.12 10.10 -37.48
CA SER C 165 -0.59 9.00 -38.28
C SER C 165 -1.04 9.15 -39.73
N THR C 166 -0.14 8.81 -40.63
CA THR C 166 -0.41 8.85 -42.07
C THR C 166 -0.61 7.39 -42.48
N ASN C 167 -1.55 7.12 -43.36
CA ASN C 167 -1.79 5.74 -43.78
C ASN C 167 -1.45 5.73 -45.27
N GLY C 168 -0.15 5.49 -45.52
CA GLY C 168 0.37 5.58 -46.87
C GLY C 168 0.44 6.99 -47.44
N LEU C 169 1.12 7.92 -46.80
CA LEU C 169 1.37 9.27 -47.24
C LEU C 169 2.72 9.54 -46.54
N SER C 170 3.66 10.25 -47.11
CA SER C 170 4.89 10.42 -46.33
C SER C 170 4.58 11.14 -45.01
N PRO C 171 5.48 10.91 -44.06
CA PRO C 171 5.49 11.53 -42.75
C PRO C 171 5.55 13.04 -42.76
N ARG C 172 6.01 13.67 -43.84
CA ARG C 172 5.91 15.10 -44.05
C ARG C 172 4.51 15.61 -43.70
N PHE C 173 3.52 14.94 -44.27
CA PHE C 173 2.11 15.27 -44.03
C PHE C 173 1.76 15.20 -42.56
N GLY C 174 2.25 14.19 -41.84
CA GLY C 174 2.04 14.11 -40.39
C GLY C 174 2.62 15.32 -39.69
N ALA C 175 3.85 15.70 -40.03
CA ALA C 175 4.48 16.88 -39.46
C ALA C 175 3.76 18.17 -39.83
N LEU C 176 3.29 18.23 -41.06
CA LEU C 176 2.55 19.41 -41.53
C LEU C 176 1.25 19.56 -40.74
N VAL C 177 0.55 18.45 -40.48
CA VAL C 177 -0.66 18.50 -39.67
C VAL C 177 -0.31 18.86 -38.24
N ARG C 178 0.76 18.28 -37.70
CA ARG C 178 1.18 18.57 -36.34
C ARG C 178 1.43 20.07 -36.15
N ASP C 179 2.17 20.67 -37.09
CA ASP C 179 2.46 22.10 -37.00
C ASP C 179 1.18 22.92 -37.14
N GLU C 180 0.25 22.54 -38.02
CA GLU C 180 -1.02 23.24 -38.11
C GLU C 180 -1.72 23.23 -36.75
N ILE C 181 -1.83 22.05 -36.12
CA ILE C 181 -2.50 21.93 -34.83
C ILE C 181 -1.81 22.72 -33.74
N ARG C 182 -0.48 22.68 -33.75
CA ARG C 182 0.33 23.43 -32.79
C ARG C 182 0.06 24.92 -32.93
N ASN C 183 0.02 25.41 -34.17
CA ASN C 183 -0.28 26.83 -34.39
C ASN C 183 -1.66 27.17 -33.88
N LEU C 184 -2.66 26.33 -34.14
CA LEU C 184 -4.00 26.53 -33.60
C LEU C 184 -4.01 26.74 -32.09
N PHE C 185 -3.32 25.91 -31.30
CA PHE C 185 -3.34 26.11 -29.85
C PHE C 185 -2.35 27.18 -29.40
N THR C 186 -1.41 27.57 -30.24
CA THR C 186 -0.49 28.64 -29.84
C THR C 186 -1.25 29.96 -29.91
N GLN C 187 -2.02 30.13 -30.98
CA GLN C 187 -2.83 31.33 -31.13
C GLN C 187 -3.91 31.43 -30.06
N MSE C 188 -4.48 30.30 -29.63
CA MSE C 188 -5.58 30.47 -28.61
C MSE C 188 -5.06 30.72 -27.22
O MSE C 188 -5.88 31.05 -26.37
CB MSE C 188 -6.66 29.43 -28.73
CG MSE C 188 -6.66 28.12 -27.94
SE MSE C 188 -8.17 27.03 -28.32
CE MSE C 188 -7.66 26.40 -29.94
N GLY C 189 -3.76 30.77 -26.96
CA GLY C 189 -3.24 31.12 -25.65
C GLY C 189 -3.61 30.11 -24.57
N ASP C 190 -3.35 30.43 -23.33
CA ASP C 190 -3.59 29.59 -22.17
C ASP C 190 -5.02 29.11 -22.01
N LEU C 191 -5.18 27.80 -21.89
CA LEU C 191 -6.47 27.18 -21.69
C LEU C 191 -6.76 26.98 -20.22
N ALA C 192 -5.80 27.24 -19.35
CA ALA C 192 -5.96 27.06 -17.91
C ALA C 192 -6.86 25.89 -17.57
N LEU C 193 -6.52 24.72 -18.11
CA LEU C 193 -7.24 23.47 -17.81
C LEU C 193 -6.98 23.26 -16.34
N GLU C 194 -7.71 22.52 -15.53
CA GLU C 194 -7.35 22.43 -14.11
C GLU C 194 -8.03 23.54 -13.33
N ASP C 195 -8.05 24.78 -13.82
CA ASP C 195 -9.11 25.72 -13.42
C ASP C 195 -10.38 25.13 -14.07
N ALA C 196 -10.24 24.83 -15.38
CA ALA C 196 -11.33 24.17 -16.09
C ALA C 196 -11.72 22.89 -15.36
N VAL C 197 -10.73 22.09 -14.96
CA VAL C 197 -10.99 20.85 -14.24
C VAL C 197 -11.75 21.09 -12.94
N VAL C 198 -11.39 22.09 -12.14
CA VAL C 198 -12.11 22.36 -10.90
C VAL C 198 -13.57 22.75 -11.15
N LYS C 199 -13.75 23.74 -12.02
CA LYS C 199 -15.10 24.24 -12.34
C LYS C 199 -16.00 23.16 -12.91
N LEU C 200 -15.49 22.35 -13.84
CA LEU C 200 -16.30 21.25 -14.37
C LEU C 200 -16.65 20.30 -13.24
N GLY C 201 -15.76 20.08 -12.28
CA GLY C 201 -16.06 19.21 -11.14
C GLY C 201 -17.20 19.84 -10.32
N GLU C 202 -17.07 21.13 -10.04
CA GLU C 202 -18.09 21.89 -9.33
C GLU C 202 -19.42 21.87 -10.07
N LEU C 203 -19.40 22.10 -11.37
CA LEU C 203 -20.62 22.06 -12.17
C LEU C 203 -21.32 20.72 -12.00
N ARG C 204 -20.58 19.64 -12.20
CA ARG C 204 -21.11 18.29 -12.04
C ARG C 204 -21.74 18.04 -10.68
N ARG C 205 -21.09 18.39 -9.57
CA ARG C 205 -21.68 18.15 -8.24
C ARG C 205 -22.95 18.97 -8.04
N GLY C 206 -22.86 20.25 -8.45
CA GLY C 206 -23.99 21.16 -8.40
C GLY C 206 -25.19 20.62 -9.16
N ILE C 207 -24.99 20.12 -10.38
CA ILE C 207 -26.11 19.57 -11.14
C ILE C 207 -26.73 18.41 -10.38
N ARG C 208 -25.87 17.54 -9.84
CA ARG C 208 -26.30 16.40 -9.07
C ARG C 208 -27.19 16.79 -7.89
N LEU C 209 -26.81 17.81 -7.13
CA LEU C 209 -27.63 18.27 -6.03
C LEU C 209 -29.01 18.70 -6.51
N LEU C 210 -29.07 19.44 -7.61
CA LEU C 210 -30.34 19.89 -8.18
C LEU C 210 -31.13 18.81 -8.88
N ALA C 211 -30.52 17.78 -9.44
CA ALA C 211 -31.29 16.71 -10.08
C ALA C 211 -30.77 15.36 -9.58
N PRO C 212 -30.96 15.11 -8.29
CA PRO C 212 -30.34 13.97 -7.63
C PRO C 212 -30.96 12.62 -7.93
N ASP C 213 -32.23 12.53 -8.32
CA ASP C 213 -32.79 11.21 -8.58
C ASP C 213 -32.08 10.53 -9.76
N ASP C 214 -31.68 9.26 -9.60
CA ASP C 214 -31.33 8.54 -10.85
C ASP C 214 -32.69 8.46 -11.55
N LYS C 215 -32.69 8.51 -12.86
CA LYS C 215 -33.87 8.64 -13.69
C LYS C 215 -33.53 9.89 -14.54
N ASP C 216 -32.80 10.80 -13.88
CA ASP C 216 -32.37 12.03 -14.52
C ASP C 216 -30.88 11.99 -14.78
N VAL C 217 -30.24 10.84 -14.54
CA VAL C 217 -28.82 10.67 -14.76
C VAL C 217 -28.38 11.06 -16.17
N LYS C 218 -29.05 10.50 -17.15
CA LYS C 218 -28.75 10.78 -18.55
C LYS C 218 -28.91 12.25 -18.91
N TYR C 219 -29.95 12.88 -18.40
CA TYR C 219 -30.16 14.31 -18.61
C TYR C 219 -29.01 15.12 -18.01
N ARG C 220 -28.61 14.76 -16.80
CA ARG C 220 -27.53 15.42 -16.09
C ARG C 220 -26.27 15.45 -16.97
N MSE C 221 -26.04 14.25 -17.48
CA MSE C 221 -24.90 14.02 -18.42
C MSE C 221 -25.08 14.75 -19.72
O MSE C 221 -24.14 15.41 -20.11
CB MSE C 221 -24.73 12.51 -18.70
CG MSE C 221 -23.85 11.82 -17.63
SE MSE C 221 -23.84 9.92 -17.81
CE MSE C 221 -22.79 9.81 -19.29
N ASP C 222 -26.25 14.65 -20.37
CA ASP C 222 -26.46 15.36 -21.62
C ASP C 222 -26.34 16.87 -21.44
N TRP C 223 -26.79 17.43 -20.32
CA TRP C 223 -26.71 18.88 -20.10
C TRP C 223 -25.27 19.34 -19.91
N ALA C 224 -24.49 18.69 -19.05
CA ALA C 224 -23.09 19.07 -18.84
C ALA C 224 -22.27 18.95 -20.11
N ARG C 225 -22.54 17.87 -20.86
CA ARG C 225 -21.88 17.67 -22.13
C ARG C 225 -22.19 18.79 -23.12
N ARG C 226 -23.48 19.07 -23.30
CA ARG C 226 -23.89 20.13 -24.24
C ARG C 226 -23.32 21.48 -23.81
N CYS C 227 -23.46 21.81 -22.53
CA CYS C 227 -22.93 23.02 -21.93
C CYS C 227 -21.45 23.23 -22.17
N THR C 228 -20.62 22.24 -21.88
CA THR C 228 -19.18 22.33 -22.10
C THR C 228 -18.84 22.37 -23.59
N ASP C 229 -19.61 21.71 -24.46
CA ASP C 229 -19.33 21.85 -25.88
C ASP C 229 -19.54 23.31 -26.30
N LEU C 230 -20.61 23.92 -25.83
CA LEU C 230 -20.89 25.33 -26.13
C LEU C 230 -19.80 26.26 -25.66
N PHE C 231 -19.25 26.03 -24.46
CA PHE C 231 -18.16 26.89 -23.99
C PHE C 231 -16.89 26.52 -24.75
N GLY C 232 -16.65 25.24 -25.06
CA GLY C 232 -15.46 24.85 -25.83
C GLY C 232 -14.22 24.78 -24.94
N ILE C 233 -13.11 24.27 -25.48
CA ILE C 233 -11.88 24.16 -24.70
C ILE C 233 -11.32 25.52 -24.33
N GLN C 234 -11.46 26.53 -25.16
CA GLN C 234 -10.96 27.86 -24.90
C GLN C 234 -11.60 28.58 -23.72
N HIS C 235 -12.90 28.42 -23.47
CA HIS C 235 -13.59 29.14 -22.41
C HIS C 235 -14.02 28.36 -21.19
N CYS C 236 -13.81 27.04 -21.16
CA CYS C 236 -14.26 26.25 -20.03
C CYS C 236 -13.64 26.65 -18.70
N HIS C 237 -12.43 27.21 -18.67
CA HIS C 237 -11.82 27.63 -17.44
C HIS C 237 -12.49 28.90 -16.90
N ASN C 238 -13.22 29.61 -17.73
CA ASN C 238 -13.82 30.88 -17.35
C ASN C 238 -15.30 30.81 -17.07
N ILE C 239 -15.89 29.62 -16.90
CA ILE C 239 -17.33 29.55 -16.68
C ILE C 239 -17.69 30.04 -15.28
N ASP C 240 -18.89 30.57 -15.14
CA ASP C 240 -19.42 30.97 -13.84
C ASP C 240 -20.25 29.79 -13.34
N VAL C 241 -19.71 28.90 -12.55
CA VAL C 241 -20.45 27.72 -12.09
C VAL C 241 -21.81 28.07 -11.49
N LYS C 242 -21.81 29.04 -10.59
CA LYS C 242 -23.03 29.43 -9.90
C LYS C 242 -24.10 29.90 -10.84
N ARG C 243 -23.78 30.78 -11.79
CA ARG C 243 -24.80 31.18 -12.76
C ARG C 243 -25.28 29.99 -13.58
N LEU C 244 -24.37 29.08 -13.97
CA LEU C 244 -24.75 27.91 -14.76
C LEU C 244 -25.69 26.99 -14.00
N LEU C 245 -25.52 26.93 -12.68
CA LEU C 245 -26.38 26.12 -11.83
C LEU C 245 -27.78 26.75 -11.72
N ASP C 246 -27.90 28.07 -11.81
CA ASP C 246 -29.19 28.74 -11.83
C ASP C 246 -29.90 28.33 -13.12
N LEU C 247 -29.16 28.39 -14.23
CA LEU C 247 -29.64 28.00 -15.54
C LEU C 247 -30.10 26.56 -15.57
N PHE C 248 -29.29 25.66 -14.99
CA PHE C 248 -29.65 24.25 -14.95
C PHE C 248 -30.99 24.03 -14.27
N LYS C 249 -31.19 24.67 -13.13
CA LYS C 249 -32.44 24.54 -12.38
C LYS C 249 -33.64 24.85 -13.26
N VAL C 250 -33.57 25.98 -13.97
CA VAL C 250 -34.63 26.40 -14.85
C VAL C 250 -34.86 25.45 -16.01
N MSE C 251 -33.78 25.07 -16.69
CA MSE C 251 -33.94 24.17 -17.87
C MSE C 251 -34.50 22.82 -17.48
O MSE C 251 -35.23 22.20 -18.22
CB MSE C 251 -32.62 24.03 -18.66
CG MSE C 251 -32.28 25.28 -19.46
SE MSE C 251 -30.49 25.32 -20.11
CE MSE C 251 -30.68 24.12 -21.46
N PHE C 252 -34.14 22.36 -16.28
CA PHE C 252 -34.58 21.09 -15.76
C PHE C 252 -35.96 21.14 -15.13
N GLN C 253 -36.18 22.05 -14.20
CA GLN C 253 -37.42 22.19 -13.48
C GLN C 253 -38.57 22.91 -14.16
N GLU C 254 -38.35 24.06 -14.77
CA GLU C 254 -39.44 24.79 -15.40
C GLU C 254 -39.65 24.41 -16.86
N GLN C 255 -38.57 24.03 -17.54
CA GLN C 255 -38.64 23.72 -18.97
C GLN C 255 -38.58 22.23 -19.27
N ASN C 256 -38.91 21.43 -18.26
CA ASN C 256 -39.03 19.99 -18.39
C ASN C 256 -37.85 19.36 -19.11
N CYS C 257 -36.70 19.44 -18.44
CA CYS C 257 -35.46 18.90 -18.97
C CYS C 257 -35.19 19.36 -20.41
N SER C 258 -35.09 20.67 -20.58
CA SER C 258 -34.73 21.19 -21.89
C SER C 258 -33.22 21.13 -22.10
N LEU C 259 -32.82 21.10 -23.37
CA LEU C 259 -31.43 21.18 -23.75
C LEU C 259 -31.27 22.39 -24.68
N GLN C 260 -32.27 23.27 -24.68
CA GLN C 260 -32.21 24.49 -25.46
C GLN C 260 -31.52 25.57 -24.64
N PHE C 261 -30.21 25.75 -24.86
CA PHE C 261 -29.39 26.71 -24.11
C PHE C 261 -29.47 28.11 -24.68
N PRO C 262 -29.10 29.14 -23.92
CA PRO C 262 -28.98 30.48 -24.48
C PRO C 262 -28.06 30.39 -25.69
N PRO C 263 -28.12 31.38 -26.56
CA PRO C 263 -27.20 31.43 -27.70
C PRO C 263 -25.78 31.47 -27.16
N ARG C 264 -24.84 30.90 -27.91
CA ARG C 264 -23.46 30.83 -27.47
C ARG C 264 -22.87 32.17 -27.10
N GLU C 265 -23.16 33.24 -27.84
CA GLU C 265 -22.60 34.55 -27.48
C GLU C 265 -23.21 35.08 -26.19
N ARG C 266 -24.39 34.70 -25.75
CA ARG C 266 -24.94 35.13 -24.47
C ARG C 266 -24.31 34.30 -23.33
N LEU C 267 -24.15 33.03 -23.66
CA LEU C 267 -23.50 32.09 -22.74
C LEU C 267 -22.10 32.60 -22.46
N LEU C 268 -21.36 33.06 -23.48
CA LEU C 268 -20.04 33.59 -23.21
C LEU C 268 -20.10 34.92 -22.46
N SER C 269 -21.03 35.81 -22.79
CA SER C 269 -21.09 37.08 -22.07
C SER C 269 -21.65 36.97 -20.67
N GLU C 270 -22.80 36.33 -20.47
CA GLU C 270 -23.43 36.25 -19.17
C GLU C 270 -22.98 35.15 -18.25
N TYR C 271 -22.53 34.01 -18.77
CA TYR C 271 -22.29 32.85 -17.90
C TYR C 271 -20.80 32.54 -17.73
N CYS C 272 -19.98 33.53 -18.01
CA CYS C 272 -18.54 33.46 -17.78
C CYS C 272 -18.24 34.33 -16.56
N SER C 273 -17.19 33.99 -15.83
CA SER C 273 -16.83 34.68 -14.62
C SER C 273 -16.13 36.02 -14.86
PA NAD D . -12.17 17.20 20.98
O1A NAD D . -13.11 18.16 21.62
O2A NAD D . -10.77 17.63 20.99
O5B NAD D . -12.66 16.93 19.49
C5B NAD D . -14.06 16.71 19.13
C4B NAD D . -14.14 17.07 17.65
O4B NAD D . -15.35 16.48 17.10
C3B NAD D . -14.23 18.59 17.42
O3B NAD D . -13.58 18.96 16.20
C2B NAD D . -15.74 18.80 17.19
O2B NAD D . -15.91 19.86 16.25
C1B NAD D . -16.11 17.50 16.46
N9A NAD D . -17.50 17.05 16.57
C8A NAD D . -18.30 17.08 17.67
N7A NAD D . -19.51 16.56 17.44
C5A NAD D . -19.46 16.17 16.11
C6A NAD D . -20.42 15.56 15.28
N6A NAD D . -21.64 15.24 15.67
N1A NAD D . -20.03 15.31 14.00
C2A NAD D . -18.77 15.66 13.61
N3A NAD D . -17.82 16.23 14.30
C4A NAD D . -18.23 16.46 15.57
O3 NAD D . -12.35 15.73 21.63
PN NAD D . -11.31 14.51 21.40
O1N NAD D . -10.21 14.69 22.38
O2N NAD D . -10.76 14.67 20.02
PA NAD E . -0.75 -26.21 -2.59
O1A NAD E . -0.98 -27.04 -3.78
O2A NAD E . 0.05 -26.79 -1.53
O5B NAD E . -2.18 -25.73 -2.01
C5B NAD E . -3.29 -25.49 -2.94
C4B NAD E . -4.54 -25.87 -2.18
O4B NAD E . -5.70 -25.27 -2.78
C3B NAD E . -4.81 -27.38 -2.13
O3B NAD E . -5.32 -27.70 -0.84
C2B NAD E . -5.98 -27.57 -3.12
O2B NAD E . -6.82 -28.60 -2.63
C1B NAD E . -6.72 -26.23 -2.94
N9A NAD E . -7.49 -25.83 -4.13
C8A NAD E . -7.17 -25.98 -5.44
N7A NAD E . -8.08 -25.48 -6.27
C5A NAD E . -9.04 -24.97 -5.43
C6A NAD E . -10.25 -24.30 -5.69
N6A NAD E . -10.70 -24.02 -6.91
N1A NAD E . -10.99 -23.94 -4.61
C2A NAD E . -10.53 -24.23 -3.35
N3A NAD E . -9.44 -24.84 -3.02
C4A NAD E . -8.71 -25.19 -4.11
O3 NAD E . -0.18 -24.76 -3.04
PN NAD E . 0.27 -23.56 -2.10
O1N NAD E . 1.75 -23.62 -1.92
O2N NAD E . -0.39 -23.64 -0.77
O5D NAD E . -0.08 -22.28 -2.96
C5D NAD E . -1.42 -21.86 -3.27
C4D NAD E . -1.23 -20.58 -4.06
O4D NAD E . -1.14 -19.47 -3.13
C3D NAD E . 0.12 -20.60 -4.82
O3D NAD E . -0.15 -20.96 -6.17
C2D NAD E . 0.55 -19.14 -4.69
O2D NAD E . -0.18 -18.31 -5.60
C1D NAD E . 0.15 -18.89 -3.24
PA NAD F . 24.17 5.55 -33.64
O1A NAD F . 25.58 5.40 -33.99
O2A NAD F . 23.89 6.92 -33.14
O5B NAD F . 23.72 4.45 -32.59
C5B NAD F . 24.17 3.07 -32.54
C4B NAD F . 24.04 2.67 -31.08
O4B NAD F . 23.80 1.23 -31.01
C3B NAD F . 25.32 2.94 -30.25
O3B NAD F . 25.04 3.23 -28.88
C2B NAD F . 26.01 1.57 -30.28
O2B NAD F . 26.87 1.38 -29.17
C1B NAD F . 24.77 0.67 -30.13
N9A NAD F . 24.97 -0.70 -30.60
C8A NAD F . 25.63 -1.12 -31.72
N7A NAD F . 25.58 -2.44 -31.89
C5A NAD F . 24.85 -2.89 -30.82
C6A NAD F . 24.42 -4.18 -30.47
N6A NAD F . 24.75 -5.30 -31.10
N1A NAD F . 23.69 -4.28 -29.32
C2A NAD F . 23.40 -3.15 -28.61
N3A NAD F . 23.70 -1.91 -28.89
C4A NAD F . 24.45 -1.84 -30.02
O3 NAD F . 23.15 5.20 -34.84
PN NAD F . 21.58 5.58 -34.73
O1N NAD F . 21.34 6.81 -35.52
O2N NAD F . 21.25 5.79 -33.31
O5D NAD F . 20.93 4.27 -35.38
C5D NAD F . 20.34 4.48 -36.69
C4D NAD F . 18.99 3.79 -36.72
O4D NAD F . 18.19 4.28 -37.83
C3D NAD F . 19.13 2.28 -36.91
O3D NAD F . 18.27 1.67 -35.99
C2D NAD F . 18.93 2.12 -38.40
O2D NAD F . 18.50 0.86 -38.87
C1D NAD F . 17.98 3.25 -38.77
#